data_5UTP
#
_entry.id   5UTP
#
_cell.length_a   51.210
_cell.length_b   85.890
_cell.length_c   65.610
_cell.angle_alpha   90.00
_cell.angle_beta   102.79
_cell.angle_gamma   90.00
#
_symmetry.space_group_name_H-M   'P 1 21 1'
#
loop_
_entity.id
_entity.type
_entity.pdbx_description
1 polymer Beta-hexosaminidase
2 non-polymer N-[(2Z,3R,4R,5S,6R)-4,5-dihydroxy-6-(hydroxymethyl)-2-{[(phenylcarbamoyl)oxy]imino}tetrahydro-2H-pyran-3-yl]-2-ethylbutanamide
3 water water
#
_entity_poly.entity_id   1
_entity_poly.type   'polypeptide(L)'
_entity_poly.pdbx_seq_one_letter_code
;MAHHHHHHMKTTPGPVMLDVVGTTLSRDDARRLAHPNTGGVILFARHFQNRAQLTALTDSIRAVREDILIAVDHEGGRVQ
RFRTDGFTVLPAMRRLGELWDRDVLLATKVATAVGYILAAELRACGIDMSFTPVLDLDYGHSKVIGDRAFHRDPRVVTLL
AKSLNHGLSLAGMANCGKHFPGHGFAEADSHVALPTDDRTLDAILEQDVAPYDWLGLSLAAVIPAHVIYTQVDKRPAGFS
RVWLQDILRGKLGFTGAIFSDDLSMEAAREGGTLTQAADAALAAGCDMVLVCNQPDAAEVVLNGLKARASAESVRRIKRM
RARGKALKWDKLIAQPEYLQAQALLSSALA
;
_entity_poly.pdbx_strand_id   A,B
#
# COMPACT_ATOMS: atom_id res chain seq x y z
N THR A 11 16.97 -3.62 -22.88
CA THR A 11 16.14 -2.61 -22.22
C THR A 11 15.83 -3.04 -20.79
N THR A 12 16.77 -3.74 -20.15
CA THR A 12 16.64 -4.15 -18.76
C THR A 12 17.59 -3.34 -17.88
N PRO A 13 17.23 -3.07 -16.62
CA PRO A 13 18.07 -2.21 -15.79
C PRO A 13 19.44 -2.83 -15.53
N GLY A 14 20.46 -1.98 -15.46
CA GLY A 14 21.78 -2.40 -15.06
C GLY A 14 21.98 -2.24 -13.57
N PRO A 15 23.16 -2.63 -13.07
CA PRO A 15 23.39 -2.60 -11.62
C PRO A 15 23.80 -1.25 -11.05
N VAL A 16 24.05 -0.25 -11.88
CA VAL A 16 24.61 1.02 -11.41
C VAL A 16 23.51 2.07 -11.33
N MET A 17 23.41 2.72 -10.17
CA MET A 17 22.61 3.93 -10.02
C MET A 17 23.57 5.11 -9.90
N LEU A 18 23.47 6.05 -10.84
CA LEU A 18 24.32 7.24 -10.85
C LEU A 18 23.42 8.47 -10.84
N ASP A 19 23.97 9.63 -11.19
CA ASP A 19 23.19 10.84 -11.29
C ASP A 19 23.58 11.58 -12.58
N VAL A 20 22.80 12.61 -12.90
CA VAL A 20 22.99 13.35 -14.14
C VAL A 20 23.57 14.72 -13.83
N VAL A 21 23.84 15.48 -14.89
CA VAL A 21 24.68 16.68 -14.76
C VAL A 21 23.91 17.83 -14.12
N GLY A 22 22.63 18.00 -14.45
CA GLY A 22 21.90 19.13 -13.93
C GLY A 22 20.40 19.09 -14.14
N THR A 23 19.80 20.26 -14.37
CA THR A 23 18.36 20.38 -14.50
C THR A 23 17.84 19.85 -15.82
N THR A 24 18.69 19.78 -16.85
CA THR A 24 18.33 19.16 -18.11
CA THR A 24 18.34 19.19 -18.13
C THR A 24 19.44 18.21 -18.53
N LEU A 25 19.06 17.19 -19.29
CA LEU A 25 20.02 16.17 -19.70
C LEU A 25 20.99 16.73 -20.74
N SER A 26 22.27 16.42 -20.56
CA SER A 26 23.29 16.74 -21.53
C SER A 26 23.54 15.54 -22.43
N ARG A 27 24.33 15.77 -23.48
CA ARG A 27 24.73 14.68 -24.36
C ARG A 27 25.46 13.59 -23.58
N ASP A 28 26.28 13.97 -22.60
CA ASP A 28 27.01 12.99 -21.82
C ASP A 28 26.07 12.18 -20.93
N ASP A 29 25.08 12.82 -20.32
CA ASP A 29 24.06 12.10 -19.58
C ASP A 29 23.40 11.04 -20.45
N ALA A 30 22.99 11.43 -21.65
CA ALA A 30 22.31 10.49 -22.55
C ALA A 30 23.18 9.27 -22.83
N ARG A 31 24.47 9.49 -23.07
CA ARG A 31 25.39 8.37 -23.27
C ARG A 31 25.41 7.45 -22.06
N ARG A 32 25.54 8.02 -20.87
CA ARG A 32 25.59 7.21 -19.65
C ARG A 32 24.27 6.49 -19.42
N LEU A 33 23.15 7.19 -19.61
CA LEU A 33 21.84 6.57 -19.39
C LEU A 33 21.65 5.37 -20.32
N ALA A 34 22.14 5.47 -21.55
CA ALA A 34 22.00 4.38 -22.52
C ALA A 34 22.94 3.21 -22.25
N HIS A 35 23.88 3.35 -21.32
CA HIS A 35 24.84 2.28 -21.07
C HIS A 35 24.12 1.06 -20.47
N PRO A 36 24.41 -0.15 -20.94
CA PRO A 36 23.70 -1.33 -20.42
C PRO A 36 23.84 -1.51 -18.91
N ASN A 37 24.97 -1.14 -18.32
CA ASN A 37 25.18 -1.31 -16.89
C ASN A 37 24.53 -0.22 -16.05
N THR A 38 23.90 0.78 -16.67
CA THR A 38 23.15 1.77 -15.93
C THR A 38 21.75 1.24 -15.64
N GLY A 39 21.28 1.45 -14.41
CA GLY A 39 19.97 0.97 -14.02
C GLY A 39 19.17 1.96 -13.19
N GLY A 40 19.78 3.07 -12.80
CA GLY A 40 19.07 4.02 -11.95
C GLY A 40 19.66 5.40 -12.01
N VAL A 41 18.84 6.38 -11.63
CA VAL A 41 19.25 7.77 -11.45
C VAL A 41 18.79 8.22 -10.07
N ILE A 42 19.70 8.78 -9.29
CA ILE A 42 19.39 9.39 -8.00
C ILE A 42 19.51 10.90 -8.15
N LEU A 43 18.48 11.62 -7.69
CA LEU A 43 18.42 13.06 -7.83
C LEU A 43 18.83 13.74 -6.53
N PHE A 44 19.34 14.97 -6.66
CA PHE A 44 19.76 15.78 -5.54
C PHE A 44 19.24 17.20 -5.73
N ALA A 45 19.61 18.09 -4.81
CA ALA A 45 19.10 19.45 -4.83
C ALA A 45 19.46 20.17 -6.12
N ARG A 46 20.65 19.89 -6.67
CA ARG A 46 21.09 20.58 -7.87
C ARG A 46 20.22 20.25 -9.08
N HIS A 47 19.40 19.19 -8.99
CA HIS A 47 18.54 18.78 -10.10
C HIS A 47 17.14 19.37 -10.01
N PHE A 48 16.90 20.28 -9.06
CA PHE A 48 15.58 20.85 -8.85
C PHE A 48 15.66 22.37 -8.94
N GLN A 49 15.07 22.94 -9.99
CA GLN A 49 14.78 24.37 -10.06
C GLN A 49 13.31 24.64 -9.76
N ASN A 50 12.42 23.91 -10.42
CA ASN A 50 10.98 24.03 -10.18
C ASN A 50 10.33 22.73 -10.62
N ARG A 51 9.05 22.57 -10.26
CA ARG A 51 8.34 21.34 -10.57
C ARG A 51 8.31 21.06 -12.08
N ALA A 52 8.04 22.10 -12.88
CA ALA A 52 7.99 21.90 -14.33
C ALA A 52 9.32 21.38 -14.85
N GLN A 53 10.43 21.99 -14.41
CA GLN A 53 11.75 21.54 -14.84
C GLN A 53 12.04 20.12 -14.37
N LEU A 54 11.70 19.82 -13.11
CA LEU A 54 11.94 18.48 -12.59
C LEU A 54 11.12 17.44 -13.33
N THR A 55 9.84 17.72 -13.58
CA THR A 55 9.01 16.77 -14.30
C THR A 55 9.53 16.55 -15.71
N ALA A 56 10.01 17.61 -16.35
CA ALA A 56 10.57 17.48 -17.69
C ALA A 56 11.86 16.66 -17.67
N LEU A 57 12.66 16.80 -16.61
CA LEU A 57 13.89 16.01 -16.51
C LEU A 57 13.58 14.53 -16.41
N THR A 58 12.72 14.15 -15.46
CA THR A 58 12.38 12.74 -15.30
C THR A 58 11.78 12.18 -16.58
N ASP A 59 10.93 12.96 -17.25
CA ASP A 59 10.40 12.53 -18.55
C ASP A 59 11.53 12.26 -19.53
N SER A 60 12.48 13.19 -19.64
CA SER A 60 13.56 13.02 -20.61
C SER A 60 14.47 11.85 -20.24
N ILE A 61 14.60 11.56 -18.95
CA ILE A 61 15.40 10.42 -18.53
C ILE A 61 14.76 9.12 -18.99
N ARG A 62 13.44 8.99 -18.80
CA ARG A 62 12.73 7.79 -19.24
C ARG A 62 12.66 7.69 -20.76
N ALA A 63 12.77 8.81 -21.47
CA ALA A 63 12.78 8.75 -22.93
C ALA A 63 14.05 8.12 -23.45
N VAL A 64 15.16 8.27 -22.72
CA VAL A 64 16.41 7.63 -23.09
C VAL A 64 16.45 6.18 -22.63
N ARG A 65 15.80 5.87 -21.51
CA ARG A 65 15.92 4.55 -20.89
C ARG A 65 14.60 4.27 -20.15
N GLU A 66 13.66 3.63 -20.85
CA GLU A 66 12.33 3.43 -20.30
C GLU A 66 12.37 2.58 -19.03
N ASP A 67 13.36 1.71 -18.89
CA ASP A 67 13.44 0.79 -17.77
C ASP A 67 14.21 1.36 -16.58
N ILE A 68 14.51 2.64 -16.58
CA ILE A 68 15.34 3.25 -15.56
C ILE A 68 14.56 3.41 -14.26
N LEU A 69 15.26 3.35 -13.15
CA LEU A 69 14.71 3.63 -11.83
C LEU A 69 15.18 5.01 -11.38
N ILE A 70 14.24 5.90 -11.06
CA ILE A 70 14.56 7.25 -10.62
C ILE A 70 14.21 7.36 -9.15
N ALA A 71 15.21 7.67 -8.33
CA ALA A 71 15.05 7.74 -6.89
C ALA A 71 15.58 9.06 -6.35
N VAL A 72 15.29 9.31 -5.07
CA VAL A 72 15.70 10.55 -4.41
C VAL A 72 15.70 10.31 -2.91
N ASP A 73 16.50 11.09 -2.18
CA ASP A 73 16.49 11.06 -0.72
C ASP A 73 15.43 12.04 -0.23
N HIS A 74 14.22 11.53 0.00
CA HIS A 74 13.15 12.33 0.60
C HIS A 74 12.72 11.63 1.88
N GLU A 75 13.42 11.93 2.98
CA GLU A 75 13.08 11.42 4.30
C GLU A 75 12.24 12.40 5.11
N GLY A 76 12.34 13.70 4.84
CA GLY A 76 11.78 14.71 5.69
C GLY A 76 12.82 15.28 6.65
N GLY A 77 12.50 16.44 7.22
CA GLY A 77 13.41 17.10 8.12
C GLY A 77 14.67 17.58 7.43
N ARG A 78 15.82 17.06 7.85
CA ARG A 78 17.11 17.50 7.31
C ARG A 78 17.41 16.88 5.95
N VAL A 79 16.71 15.82 5.57
CA VAL A 79 16.99 15.12 4.31
C VAL A 79 15.73 15.25 3.45
N GLN A 80 15.68 16.30 2.65
CA GLN A 80 14.64 16.47 1.64
C GLN A 80 15.21 17.37 0.55
N ARG A 81 15.43 16.81 -0.64
CA ARG A 81 16.12 17.55 -1.69
C ARG A 81 15.24 18.65 -2.26
N PHE A 82 13.94 18.40 -2.41
CA PHE A 82 13.00 19.32 -3.02
C PHE A 82 12.12 19.91 -1.92
N ARG A 83 12.17 21.24 -1.77
CA ARG A 83 11.47 21.90 -0.67
C ARG A 83 10.66 23.11 -1.11
N THR A 84 10.58 23.41 -2.39
CA THR A 84 10.00 24.67 -2.86
C THR A 84 9.10 24.40 -4.06
N ASP A 85 8.51 25.48 -4.58
CA ASP A 85 7.62 25.44 -5.73
C ASP A 85 6.42 24.53 -5.50
N GLY A 86 5.98 24.43 -4.23
CA GLY A 86 4.81 23.67 -3.88
C GLY A 86 5.10 22.41 -3.09
N PHE A 87 6.34 21.94 -3.08
CA PHE A 87 6.68 20.75 -2.31
C PHE A 87 6.41 21.00 -0.83
N THR A 88 5.74 20.04 -0.19
CA THR A 88 5.49 20.14 1.24
C THR A 88 6.76 19.85 2.01
N VAL A 89 7.16 20.78 2.88
CA VAL A 89 8.26 20.54 3.79
C VAL A 89 7.81 19.50 4.80
N LEU A 90 8.47 18.33 4.78
CA LEU A 90 8.05 17.23 5.64
C LEU A 90 8.83 17.24 6.94
N PRO A 91 8.23 16.79 8.04
CA PRO A 91 8.93 16.80 9.33
C PRO A 91 9.99 15.71 9.38
N ALA A 92 10.94 15.90 10.30
CA ALA A 92 11.86 14.82 10.62
C ALA A 92 11.09 13.65 11.20
N MET A 93 11.55 12.43 10.89
CA MET A 93 10.85 11.24 11.34
C MET A 93 10.82 11.15 12.87
N ARG A 94 11.77 11.79 13.55
CA ARG A 94 11.73 11.82 15.01
C ARG A 94 10.42 12.44 15.51
N ARG A 95 9.83 13.37 14.75
CA ARG A 95 8.58 13.98 15.17
C ARG A 95 7.49 12.93 15.34
N LEU A 96 7.45 11.93 14.45
CA LEU A 96 6.44 10.89 14.53
C LEU A 96 6.65 10.03 15.77
N GLY A 97 7.90 9.74 16.12
CA GLY A 97 8.16 9.04 17.37
C GLY A 97 7.69 9.83 18.57
N GLU A 98 7.85 11.16 18.53
CA GLU A 98 7.33 11.99 19.60
C GLU A 98 5.81 11.97 19.63
N LEU A 99 5.18 11.94 18.46
CA LEU A 99 3.73 11.84 18.41
C LEU A 99 3.26 10.48 18.94
N TRP A 100 4.03 9.43 18.67
CA TRP A 100 3.68 8.11 19.19
C TRP A 100 3.61 8.09 20.71
N ASP A 101 4.56 8.76 21.36
CA ASP A 101 4.61 8.75 22.82
C ASP A 101 3.41 9.44 23.45
N ARG A 102 2.72 10.31 22.70
CA ARG A 102 1.54 10.98 23.20
C ARG A 102 0.24 10.37 22.70
N ASP A 103 0.24 9.82 21.48
CA ASP A 103 -0.98 9.21 20.93
C ASP A 103 -0.53 8.19 19.89
N VAL A 104 -0.56 6.90 20.27
CA VAL A 104 -0.07 5.84 19.40
C VAL A 104 -0.90 5.79 18.12
N LEU A 105 -2.22 5.65 18.25
CA LEU A 105 -3.06 5.45 17.07
C LEU A 105 -3.02 6.66 16.15
N LEU A 106 -3.06 7.88 16.71
CA LEU A 106 -2.93 9.06 15.88
C LEU A 106 -1.60 9.06 15.15
N ALA A 107 -0.53 8.63 15.82
CA ALA A 107 0.79 8.62 15.20
C ALA A 107 0.79 7.75 13.93
N THR A 108 0.20 6.57 14.00
CA THR A 108 0.09 5.73 12.81
C THR A 108 -0.70 6.44 11.72
N LYS A 109 -1.81 7.09 12.10
CA LYS A 109 -2.64 7.78 11.12
C LYS A 109 -1.86 8.90 10.43
N VAL A 110 -1.11 9.69 11.22
CA VAL A 110 -0.32 10.78 10.64
C VAL A 110 0.81 10.22 9.78
N ALA A 111 1.48 9.17 10.26
CA ALA A 111 2.57 8.56 9.49
C ALA A 111 2.11 8.21 8.09
N THR A 112 0.89 7.69 7.95
CA THR A 112 0.38 7.35 6.62
C THR A 112 0.16 8.61 5.79
N ALA A 113 -0.37 9.67 6.40
CA ALA A 113 -0.59 10.92 5.69
C ALA A 113 0.74 11.50 5.20
N VAL A 114 1.78 11.44 6.04
CA VAL A 114 3.10 11.89 5.61
C VAL A 114 3.58 11.08 4.43
N GLY A 115 3.42 9.75 4.49
CA GLY A 115 3.87 8.92 3.39
C GLY A 115 3.16 9.21 2.09
N TYR A 116 1.84 9.43 2.16
CA TYR A 116 1.08 9.68 0.94
C TYR A 116 1.50 11.00 0.30
N ILE A 117 1.59 12.07 1.08
CA ILE A 117 2.06 13.35 0.56
C ILE A 117 3.45 13.20 -0.04
N LEU A 118 4.37 12.63 0.73
CA LEU A 118 5.74 12.41 0.26
C LEU A 118 5.74 11.76 -1.11
N ALA A 119 5.06 10.61 -1.23
CA ALA A 119 5.11 9.85 -2.49
C ALA A 119 4.30 10.51 -3.58
N ALA A 120 3.14 11.07 -3.23
CA ALA A 120 2.28 11.68 -4.25
C ALA A 120 2.96 12.85 -4.92
N GLU A 121 3.69 13.67 -4.16
CA GLU A 121 4.35 14.83 -4.74
C GLU A 121 5.55 14.42 -5.60
N LEU A 122 6.29 13.40 -5.19
CA LEU A 122 7.37 12.89 -6.02
C LEU A 122 6.83 12.27 -7.30
N ARG A 123 5.71 11.55 -7.20
CA ARG A 123 5.14 10.89 -8.37
C ARG A 123 4.55 11.90 -9.35
N ALA A 124 4.03 13.03 -8.84
CA ALA A 124 3.57 14.08 -9.74
C ALA A 124 4.70 14.62 -10.61
N CYS A 125 5.94 14.49 -10.17
CA CYS A 125 7.10 14.93 -10.92
C CYS A 125 7.85 13.77 -11.57
N GLY A 126 7.24 12.58 -11.64
CA GLY A 126 7.79 11.49 -12.40
C GLY A 126 8.88 10.68 -11.72
N ILE A 127 8.95 10.72 -10.39
CA ILE A 127 9.97 9.97 -9.64
C ILE A 127 9.36 8.67 -9.15
N ASP A 128 10.18 7.60 -9.14
CA ASP A 128 9.70 6.28 -8.77
C ASP A 128 9.62 6.08 -7.26
N MET A 129 10.67 6.45 -6.54
CA MET A 129 10.81 6.04 -5.14
C MET A 129 11.64 7.04 -4.37
N SER A 130 11.56 6.91 -3.04
CA SER A 130 12.40 7.65 -2.11
C SER A 130 13.15 6.66 -1.23
N PHE A 131 14.42 6.96 -0.95
CA PHE A 131 15.22 6.12 -0.06
C PHE A 131 14.84 6.42 1.38
N THR A 132 13.66 5.91 1.74
CA THR A 132 13.08 6.09 3.07
C THR A 132 12.23 4.85 3.31
N PRO A 133 12.03 4.44 4.58
CA PRO A 133 12.36 5.06 5.86
C PRO A 133 13.72 4.69 6.44
N VAL A 134 14.23 5.57 7.29
CA VAL A 134 15.38 5.26 8.14
C VAL A 134 14.88 4.38 9.28
N LEU A 135 15.45 3.18 9.41
CA LEU A 135 15.09 2.25 10.48
C LEU A 135 16.12 2.21 11.60
N ASP A 136 17.17 3.03 11.53
CA ASP A 136 18.15 3.09 12.60
C ASP A 136 17.49 3.57 13.88
N LEU A 137 17.87 2.97 15.00
CA LEU A 137 17.31 3.35 16.29
C LEU A 137 17.99 4.61 16.81
N ASP A 138 17.21 5.47 17.45
CA ASP A 138 17.72 6.74 17.97
C ASP A 138 18.48 6.48 19.27
N TYR A 139 19.77 6.25 19.15
CA TYR A 139 20.63 6.04 20.31
C TYR A 139 21.17 7.34 20.89
N GLY A 140 21.10 8.44 20.16
CA GLY A 140 21.62 9.71 20.62
C GLY A 140 23.07 9.93 20.22
N SER A 142 24.62 9.58 17.53
CA SER A 142 25.01 9.90 16.17
C SER A 142 24.43 11.24 15.73
N LYS A 143 25.31 12.16 15.33
CA LYS A 143 24.86 13.45 14.83
C LYS A 143 24.38 13.36 13.39
N VAL A 144 24.93 12.41 12.61
CA VAL A 144 24.55 12.30 11.21
C VAL A 144 23.18 11.66 11.07
N ILE A 145 22.76 10.84 12.04
CA ILE A 145 21.43 10.25 12.05
C ILE A 145 20.49 11.22 12.76
N GLY A 146 20.73 11.45 14.05
CA GLY A 146 19.96 12.44 14.79
C GLY A 146 18.47 12.23 14.63
N ASP A 147 17.76 13.32 14.31
CA ASP A 147 16.32 13.29 14.17
C ASP A 147 15.85 12.55 12.93
N ARG A 148 16.76 11.97 12.14
CA ARG A 148 16.35 11.14 11.02
C ARG A 148 15.76 9.80 11.48
N ALA A 149 15.98 9.43 12.73
CA ALA A 149 15.45 8.18 13.27
C ALA A 149 14.06 8.40 13.86
N PHE A 150 13.23 7.36 13.77
CA PHE A 150 11.86 7.45 14.26
C PHE A 150 11.81 7.50 15.78
N HIS A 151 12.51 6.59 16.44
CA HIS A 151 12.31 6.35 17.87
C HIS A 151 13.46 5.50 18.37
N ARG A 152 13.52 5.34 19.70
CA ARG A 152 14.51 4.44 20.30
C ARG A 152 14.03 3.00 20.31
N ASP A 153 12.73 2.78 20.43
CA ASP A 153 12.17 1.45 20.57
C ASP A 153 12.00 0.82 19.19
N PRO A 154 12.62 -0.32 18.90
CA PRO A 154 12.46 -0.92 17.56
C PRO A 154 11.02 -1.28 17.23
N ARG A 155 10.19 -1.58 18.23
CA ARG A 155 8.79 -1.89 17.96
C ARG A 155 8.03 -0.66 17.50
N VAL A 156 8.43 0.52 17.99
CA VAL A 156 7.81 1.77 17.55
C VAL A 156 8.29 2.12 16.14
N VAL A 157 9.60 2.03 15.92
CA VAL A 157 10.16 2.25 14.58
C VAL A 157 9.43 1.39 13.56
N THR A 158 9.22 0.11 13.89
CA THR A 158 8.58 -0.82 12.97
C THR A 158 7.19 -0.31 12.57
N LEU A 159 6.34 -0.03 13.55
CA LEU A 159 4.95 0.29 13.25
C LEU A 159 4.81 1.70 12.67
N LEU A 160 5.67 2.64 13.07
CA LEU A 160 5.66 3.95 12.43
C LEU A 160 6.14 3.85 10.99
N ALA A 161 7.26 3.15 10.77
CA ALA A 161 7.74 2.93 9.41
C ALA A 161 6.71 2.17 8.57
N LYS A 162 6.08 1.14 9.15
CA LYS A 162 5.06 0.39 8.42
C LYS A 162 3.93 1.31 7.98
N SER A 163 3.48 2.20 8.88
CA SER A 163 2.43 3.13 8.53
C SER A 163 2.89 4.11 7.45
N LEU A 164 4.15 4.52 7.49
CA LEU A 164 4.68 5.40 6.45
C LEU A 164 4.69 4.68 5.10
N ASN A 165 5.30 3.50 5.06
CA ASN A 165 5.35 2.74 3.81
C ASN A 165 3.96 2.46 3.26
N HIS A 166 2.97 2.34 4.15
CA HIS A 166 1.59 2.22 3.68
C HIS A 166 1.15 3.45 2.92
N GLY A 167 1.48 4.64 3.44
CA GLY A 167 1.15 5.87 2.74
C GLY A 167 1.89 6.00 1.43
N LEU A 168 3.18 5.64 1.41
CA LEU A 168 3.91 5.58 0.15
C LEU A 168 3.21 4.66 -0.83
N SER A 169 2.75 3.50 -0.36
CA SER A 169 2.10 2.54 -1.26
C SER A 169 0.78 3.06 -1.80
N LEU A 170 0.07 3.90 -1.04
CA LEU A 170 -1.20 4.45 -1.53
C LEU A 170 -1.00 5.24 -2.81
N ALA A 171 0.16 5.87 -2.98
CA ALA A 171 0.49 6.56 -4.21
C ALA A 171 1.22 5.66 -5.21
N GLY A 172 1.31 4.36 -4.93
CA GLY A 172 1.98 3.44 -5.83
C GLY A 172 3.48 3.40 -5.67
N MET A 173 4.01 3.85 -4.55
CA MET A 173 5.44 3.98 -4.35
C MET A 173 5.95 2.94 -3.37
N ALA A 174 7.12 2.39 -3.67
CA ALA A 174 7.78 1.43 -2.79
C ALA A 174 8.53 2.16 -1.67
N ASN A 175 9.55 1.53 -1.11
CA ASN A 175 10.27 2.08 0.04
C ASN A 175 11.62 1.40 0.11
N CYS A 176 12.47 1.90 1.02
CA CYS A 176 13.80 1.34 1.20
C CYS A 176 14.26 1.63 2.62
N GLY A 177 14.29 0.59 3.46
CA GLY A 177 14.78 0.76 4.81
C GLY A 177 16.30 0.87 4.87
N LYS A 178 16.78 1.66 5.82
CA LYS A 178 18.22 1.90 5.94
C LYS A 178 18.56 2.38 7.36
N HIS A 179 19.80 2.15 7.82
CA HIS A 179 20.89 1.53 7.08
C HIS A 179 21.25 0.19 7.70
N PHE A 180 20.87 -0.91 7.04
CA PHE A 180 21.01 -2.25 7.58
C PHE A 180 22.47 -2.60 7.88
N PRO A 181 22.73 -3.33 8.98
CA PRO A 181 21.83 -3.82 10.03
C PRO A 181 21.60 -2.84 11.18
N GLY A 182 22.07 -1.60 11.02
CA GLY A 182 21.90 -0.61 12.05
C GLY A 182 23.06 0.35 12.16
N HIS A 183 22.79 1.63 11.91
CA HIS A 183 23.80 2.67 11.98
C HIS A 183 23.63 3.56 13.20
N GLY A 184 22.61 3.32 14.02
CA GLY A 184 22.37 4.19 15.16
C GLY A 184 23.48 4.12 16.20
N PHE A 185 24.03 2.93 16.44
CA PHE A 185 25.09 2.77 17.42
C PHE A 185 26.43 3.21 16.86
N ALA A 193 38.37 6.59 8.42
CA ALA A 193 38.05 5.20 8.10
C ALA A 193 36.56 4.94 8.31
N LEU A 194 36.13 3.71 8.05
CA LEU A 194 34.72 3.38 8.20
C LEU A 194 34.35 3.21 9.67
N PRO A 195 33.18 3.67 10.09
CA PRO A 195 32.77 3.46 11.49
C PRO A 195 32.71 1.98 11.84
N THR A 196 33.02 1.68 13.10
CA THR A 196 33.00 0.32 13.61
C THR A 196 31.89 0.16 14.63
N ASP A 197 31.45 -1.10 14.79
CA ASP A 197 30.42 -1.45 15.76
C ASP A 197 30.84 -2.75 16.41
N ASP A 198 31.28 -2.68 17.68
CA ASP A 198 31.84 -3.82 18.38
C ASP A 198 30.80 -4.59 19.19
N ARG A 199 29.53 -4.47 18.85
CA ARG A 199 28.50 -5.25 19.54
C ARG A 199 28.42 -6.65 18.94
N THR A 200 27.90 -7.58 19.73
CA THR A 200 27.75 -8.95 19.29
C THR A 200 26.54 -9.09 18.37
N LEU A 201 26.55 -10.17 17.57
CA LEU A 201 25.46 -10.42 16.64
C LEU A 201 24.11 -10.45 17.36
N ASP A 202 24.05 -11.14 18.51
CA ASP A 202 22.79 -11.28 19.22
C ASP A 202 22.20 -9.91 19.56
N ALA A 203 23.01 -9.02 20.13
CA ALA A 203 22.51 -7.70 20.50
C ALA A 203 22.05 -6.92 19.28
N ILE A 204 22.85 -6.94 18.20
CA ILE A 204 22.47 -6.25 16.97
C ILE A 204 21.16 -6.82 16.43
N LEU A 205 21.00 -8.14 16.46
CA LEU A 205 19.80 -8.75 15.92
C LEU A 205 18.57 -8.40 16.76
N GLU A 206 18.70 -8.45 18.08
CA GLU A 206 17.55 -8.29 18.95
C GLU A 206 16.93 -6.90 18.89
N GLN A 207 17.68 -5.90 18.41
CA GLN A 207 17.20 -4.52 18.44
C GLN A 207 17.24 -3.86 17.06
N ASP A 208 18.44 -3.67 16.51
CA ASP A 208 18.58 -2.86 15.30
C ASP A 208 18.00 -3.58 14.08
N VAL A 209 18.14 -4.90 14.01
CA VAL A 209 17.62 -5.65 12.88
C VAL A 209 16.13 -5.93 13.01
N ALA A 210 15.60 -5.92 14.23
CA ALA A 210 14.21 -6.31 14.46
C ALA A 210 13.22 -5.61 13.54
N PRO A 211 13.32 -4.30 13.28
CA PRO A 211 12.36 -3.68 12.35
C PRO A 211 12.38 -4.31 10.97
N TYR A 212 13.56 -4.60 10.44
CA TYR A 212 13.65 -5.24 9.13
C TYR A 212 12.92 -6.57 9.11
N ASP A 213 13.05 -7.34 10.19
CA ASP A 213 12.41 -8.66 10.25
C ASP A 213 10.90 -8.52 10.43
N TRP A 214 10.46 -7.61 11.29
CA TRP A 214 9.04 -7.50 11.61
C TRP A 214 8.24 -6.89 10.46
N LEU A 215 8.87 -6.07 9.62
CA LEU A 215 8.13 -5.40 8.55
C LEU A 215 7.60 -6.40 7.52
N GLY A 216 8.31 -7.50 7.28
CA GLY A 216 7.84 -8.47 6.31
C GLY A 216 7.77 -7.88 4.92
N LEU A 217 6.64 -8.09 4.24
CA LEU A 217 6.46 -7.56 2.89
C LEU A 217 6.31 -6.04 2.87
N SER A 218 6.11 -5.41 4.01
CA SER A 218 6.05 -3.95 4.07
C SER A 218 7.40 -3.30 3.81
N LEU A 219 8.48 -4.07 3.83
CA LEU A 219 9.81 -3.58 3.51
C LEU A 219 10.16 -4.00 2.10
N ALA A 220 10.34 -3.02 1.21
CA ALA A 220 10.56 -3.31 -0.20
C ALA A 220 12.03 -3.40 -0.59
N ALA A 221 12.90 -2.69 0.13
CA ALA A 221 14.31 -2.67 -0.21
C ALA A 221 15.13 -2.31 1.02
N VAL A 222 16.43 -2.49 0.91
CA VAL A 222 17.36 -2.20 2.00
C VAL A 222 18.58 -1.50 1.42
N ILE A 223 19.11 -0.54 2.18
CA ILE A 223 20.44 0.02 1.97
C ILE A 223 21.32 -0.45 3.14
N PRO A 224 22.36 -1.26 2.89
CA PRO A 224 23.28 -1.61 3.98
C PRO A 224 24.16 -0.44 4.37
N ALA A 225 24.54 -0.40 5.63
CA ALA A 225 25.40 0.65 6.15
C ALA A 225 26.87 0.37 5.82
N HIS A 226 27.64 1.45 5.68
CA HIS A 226 29.09 1.35 5.55
C HIS A 226 29.72 1.30 6.94
N VAL A 227 29.43 0.20 7.63
CA VAL A 227 29.88 0.00 9.01
C VAL A 227 30.53 -1.37 9.13
N ILE A 228 31.65 -1.43 9.84
CA ILE A 228 32.31 -2.69 10.17
C ILE A 228 31.75 -3.16 11.50
N TYR A 229 31.00 -4.26 11.47
CA TYR A 229 30.51 -4.90 12.69
C TYR A 229 31.55 -5.93 13.09
N THR A 230 32.54 -5.45 13.86
CA THR A 230 33.77 -6.21 14.06
C THR A 230 33.50 -7.60 14.63
N GLN A 231 32.56 -7.69 15.58
CA GLN A 231 32.26 -8.98 16.18
C GLN A 231 31.50 -9.91 15.26
N VAL A 232 31.19 -9.50 14.03
CA VAL A 232 30.38 -10.28 13.11
C VAL A 232 31.15 -10.59 11.83
N ASP A 233 31.74 -9.58 11.21
CA ASP A 233 32.44 -9.80 9.94
C ASP A 233 33.50 -8.74 9.74
N LYS A 234 34.58 -9.14 9.04
CA LYS A 234 35.65 -8.21 8.69
C LYS A 234 35.15 -7.12 7.75
N ARG A 235 34.18 -7.44 6.86
CA ARG A 235 33.79 -6.55 5.79
C ARG A 235 32.67 -5.61 6.22
N PRO A 236 32.55 -4.44 5.60
CA PRO A 236 31.36 -3.61 5.83
C PRO A 236 30.11 -4.36 5.41
N ALA A 237 28.98 -3.95 6.00
CA ALA A 237 27.71 -4.63 5.71
C ALA A 237 27.42 -4.64 4.22
N GLY A 238 27.60 -3.50 3.55
CA GLY A 238 27.37 -3.42 2.12
C GLY A 238 28.27 -4.33 1.30
N PHE A 239 29.39 -4.76 1.86
CA PHE A 239 30.31 -5.67 1.18
C PHE A 239 30.38 -7.03 1.86
N SER A 240 29.44 -7.33 2.75
CA SER A 240 29.50 -8.51 3.61
C SER A 240 28.52 -9.56 3.12
N ARG A 241 29.04 -10.73 2.71
CA ARG A 241 28.18 -11.85 2.38
C ARG A 241 27.44 -12.35 3.62
N VAL A 242 28.02 -12.18 4.80
CA VAL A 242 27.35 -12.58 6.04
C VAL A 242 26.08 -11.77 6.24
N TRP A 243 26.22 -10.44 6.31
CA TRP A 243 25.07 -9.59 6.56
C TRP A 243 24.02 -9.71 5.46
N LEU A 244 24.47 -9.75 4.20
CA LEU A 244 23.53 -9.66 3.08
C LEU A 244 22.92 -11.02 2.73
N GLN A 245 23.75 -12.06 2.61
CA GLN A 245 23.26 -13.38 2.21
CA GLN A 245 23.26 -13.37 2.22
C GLN A 245 22.85 -14.22 3.41
N ASP A 246 23.73 -14.38 4.39
CA ASP A 246 23.41 -15.22 5.54
C ASP A 246 22.30 -14.62 6.39
N ILE A 247 22.41 -13.34 6.74
CA ILE A 247 21.48 -12.73 7.69
C ILE A 247 20.24 -12.19 6.96
N LEU A 248 20.44 -11.26 6.03
CA LEU A 248 19.31 -10.55 5.44
C LEU A 248 18.49 -11.45 4.54
N ARG A 249 19.11 -12.03 3.51
CA ARG A 249 18.37 -12.88 2.58
C ARG A 249 18.07 -14.25 3.20
N GLY A 250 19.01 -14.78 3.99
CA GLY A 250 18.82 -16.08 4.59
C GLY A 250 17.94 -16.06 5.82
N LYS A 251 18.47 -15.56 6.93
CA LYS A 251 17.73 -15.57 8.19
C LYS A 251 16.39 -14.88 8.05
N LEU A 252 16.37 -13.68 7.47
CA LEU A 252 15.16 -12.89 7.36
C LEU A 252 14.34 -13.21 6.11
N GLY A 253 14.89 -14.00 5.19
CA GLY A 253 14.15 -14.32 3.98
C GLY A 253 13.83 -13.14 3.11
N PHE A 254 14.56 -12.04 3.24
CA PHE A 254 14.25 -10.84 2.49
C PHE A 254 14.41 -11.07 0.99
N THR A 255 13.38 -10.67 0.23
CA THR A 255 13.38 -10.86 -1.22
C THR A 255 13.41 -9.54 -1.98
N GLY A 256 13.42 -8.40 -1.30
CA GLY A 256 13.43 -7.11 -1.97
C GLY A 256 14.80 -6.73 -2.47
N ALA A 257 14.86 -5.57 -3.11
CA ALA A 257 16.11 -5.07 -3.68
C ALA A 257 17.04 -4.58 -2.58
N ILE A 258 18.34 -4.73 -2.83
CA ILE A 258 19.38 -4.22 -1.94
C ILE A 258 20.19 -3.19 -2.72
N PHE A 259 20.16 -1.94 -2.26
CA PHE A 259 20.96 -0.87 -2.83
C PHE A 259 22.15 -0.60 -1.92
N SER A 260 23.34 -0.48 -2.51
CA SER A 260 24.50 -0.06 -1.73
C SER A 260 24.34 1.39 -1.31
N ASP A 261 24.91 1.73 -0.17
CA ASP A 261 25.02 3.14 0.18
C ASP A 261 26.02 3.81 -0.76
N ASP A 262 25.98 5.14 -0.79
CA ASP A 262 26.81 5.91 -1.72
C ASP A 262 28.25 5.41 -1.72
N LEU A 263 28.66 4.76 -2.80
CA LEU A 263 30.04 4.26 -2.90
C LEU A 263 31.05 5.39 -3.04
N SER A 264 30.61 6.62 -3.28
CA SER A 264 31.54 7.73 -3.45
C SER A 264 32.21 8.13 -2.15
N MET A 265 31.73 7.66 -1.01
CA MET A 265 32.41 7.93 0.26
C MET A 265 33.85 7.42 0.17
N GLU A 266 34.79 8.24 0.65
CA GLU A 266 36.20 7.90 0.55
C GLU A 266 36.48 6.55 1.19
N ALA A 267 36.07 6.38 2.45
CA ALA A 267 36.40 5.17 3.19
C ALA A 267 35.65 3.93 2.69
N ALA A 268 34.63 4.09 1.84
CA ALA A 268 33.89 2.93 1.36
C ALA A 268 34.77 2.05 0.47
N ARG A 269 35.61 2.66 -0.37
CA ARG A 269 36.45 1.90 -1.27
C ARG A 269 37.49 1.07 -0.53
N GLU A 270 37.85 1.45 0.69
CA GLU A 270 38.87 0.73 1.46
C GLU A 270 40.20 0.70 0.71
N GLY A 271 40.53 1.81 0.06
CA GLY A 271 41.76 1.93 -0.69
C GLY A 271 41.67 1.54 -2.15
N GLY A 272 40.66 0.76 -2.54
CA GLY A 272 40.52 0.32 -3.91
C GLY A 272 39.81 1.35 -4.77
N THR A 273 39.60 0.96 -6.03
CA THR A 273 38.90 1.81 -6.98
C THR A 273 37.39 1.72 -6.76
N LEU A 274 36.66 2.67 -7.35
CA LEU A 274 35.21 2.58 -7.34
C LEU A 274 34.74 1.29 -7.99
N THR A 275 35.35 0.90 -9.11
CA THR A 275 34.92 -0.30 -9.81
C THR A 275 35.07 -1.53 -8.92
N GLN A 276 36.18 -1.65 -8.21
CA GLN A 276 36.39 -2.79 -7.32
C GLN A 276 35.35 -2.81 -6.20
N ALA A 277 35.08 -1.65 -5.60
CA ALA A 277 34.06 -1.58 -4.57
C ALA A 277 32.70 -1.95 -5.12
N ALA A 278 32.39 -1.48 -6.34
CA ALA A 278 31.12 -1.82 -6.97
C ALA A 278 31.00 -3.32 -7.18
N ASP A 279 32.04 -3.95 -7.73
CA ASP A 279 32.01 -5.39 -7.95
C ASP A 279 31.93 -6.16 -6.62
N ALA A 280 32.53 -5.61 -5.56
CA ALA A 280 32.50 -6.29 -4.26
C ALA A 280 31.11 -6.23 -3.64
N ALA A 281 30.47 -5.06 -3.68
CA ALA A 281 29.12 -4.92 -3.14
C ALA A 281 28.14 -5.82 -3.88
N LEU A 282 28.19 -5.80 -5.22
CA LEU A 282 27.29 -6.63 -6.01
C LEU A 282 27.53 -8.10 -5.72
N ALA A 283 28.79 -8.51 -5.59
CA ALA A 283 29.09 -9.91 -5.29
C ALA A 283 28.61 -10.29 -3.89
N ALA A 284 28.70 -9.36 -2.94
CA ALA A 284 28.28 -9.64 -1.58
C ALA A 284 26.78 -9.84 -1.47
N GLY A 285 26.01 -9.23 -2.36
CA GLY A 285 24.56 -9.39 -2.32
C GLY A 285 23.79 -8.18 -2.80
N CYS A 286 24.46 -7.07 -3.06
CA CYS A 286 23.78 -5.88 -3.58
C CYS A 286 23.24 -6.15 -4.98
N ASP A 287 22.00 -5.71 -5.21
CA ASP A 287 21.43 -5.74 -6.56
C ASP A 287 21.78 -4.51 -7.36
N MET A 288 22.08 -3.39 -6.69
CA MET A 288 22.35 -2.13 -7.37
C MET A 288 23.28 -1.31 -6.49
N VAL A 289 24.21 -0.61 -7.12
CA VAL A 289 25.20 0.19 -6.41
C VAL A 289 24.95 1.66 -6.73
N LEU A 290 25.19 2.51 -5.74
CA LEU A 290 25.02 3.95 -5.88
C LEU A 290 26.38 4.63 -6.00
N VAL A 291 26.54 5.44 -7.05
CA VAL A 291 27.74 6.23 -7.27
C VAL A 291 27.27 7.66 -7.49
N CYS A 292 27.34 8.48 -6.44
CA CYS A 292 26.70 9.79 -6.43
C CYS A 292 27.72 10.91 -6.56
N ASN A 293 27.33 11.97 -7.27
CA ASN A 293 28.07 13.22 -7.31
C ASN A 293 29.42 13.09 -8.01
N GLN A 294 29.51 12.20 -9.00
CA GLN A 294 30.68 12.14 -9.87
C GLN A 294 30.35 11.26 -11.08
N PRO A 295 29.59 11.78 -12.05
CA PRO A 295 29.15 10.93 -13.16
C PRO A 295 30.28 10.33 -13.97
N ASP A 296 31.37 11.06 -14.17
CA ASP A 296 32.49 10.52 -14.96
C ASP A 296 33.11 9.32 -14.26
N ALA A 297 33.26 9.38 -12.94
CA ALA A 297 33.74 8.23 -12.19
C ALA A 297 32.74 7.08 -12.28
N ALA A 298 31.44 7.39 -12.21
CA ALA A 298 30.43 6.36 -12.40
C ALA A 298 30.49 5.75 -13.79
N GLU A 299 30.88 6.55 -14.79
CA GLU A 299 31.01 6.02 -16.15
C GLU A 299 32.20 5.08 -16.27
N VAL A 300 33.26 5.32 -15.49
CA VAL A 300 34.37 4.38 -15.44
C VAL A 300 33.89 3.04 -14.89
N VAL A 301 33.02 3.07 -13.87
CA VAL A 301 32.47 1.84 -13.33
C VAL A 301 31.64 1.13 -14.39
N LEU A 302 30.79 1.87 -15.09
CA LEU A 302 29.96 1.27 -16.12
C LEU A 302 30.78 0.43 -17.10
N ASN A 303 31.96 0.93 -17.48
CA ASN A 303 32.80 0.27 -18.46
C ASN A 303 33.77 -0.73 -17.86
N GLY A 304 34.02 -0.67 -16.55
CA GLY A 304 35.00 -1.55 -15.93
C GLY A 304 34.38 -2.64 -15.10
N LEU A 305 33.07 -2.58 -14.89
CA LEU A 305 32.39 -3.54 -14.03
C LEU A 305 32.49 -4.94 -14.63
N LYS A 306 32.81 -5.92 -13.78
CA LYS A 306 32.82 -7.31 -14.22
C LYS A 306 31.43 -7.92 -14.14
N ALA A 307 30.72 -7.65 -13.04
CA ALA A 307 29.39 -8.21 -12.84
C ALA A 307 28.38 -7.54 -13.78
N ARG A 308 27.39 -8.32 -14.20
CA ARG A 308 26.28 -7.82 -14.99
C ARG A 308 24.97 -8.11 -14.25
N ALA A 309 23.95 -7.34 -14.59
CA ALA A 309 22.65 -7.52 -13.97
C ALA A 309 22.13 -8.94 -14.23
N SER A 310 21.75 -9.63 -13.17
CA SER A 310 21.19 -10.96 -13.28
C SER A 310 19.68 -10.88 -13.48
N ALA A 311 19.08 -12.02 -13.82
CA ALA A 311 17.63 -12.06 -13.98
C ALA A 311 16.92 -11.87 -12.65
N GLU A 312 17.49 -12.36 -11.56
CA GLU A 312 16.88 -12.20 -10.24
C GLU A 312 17.08 -10.79 -9.71
N SER A 313 18.26 -10.20 -9.94
CA SER A 313 18.45 -8.80 -9.58
C SER A 313 17.57 -7.89 -10.43
N VAL A 314 17.46 -8.18 -11.72
CA VAL A 314 16.57 -7.41 -12.59
C VAL A 314 15.14 -7.48 -12.07
N ARG A 315 14.68 -8.69 -11.71
CA ARG A 315 13.34 -8.82 -11.15
C ARG A 315 13.15 -7.92 -9.95
N ARG A 316 14.13 -7.88 -9.05
CA ARG A 316 14.00 -7.06 -7.84
C ARG A 316 14.04 -5.58 -8.18
N ILE A 317 14.90 -5.17 -9.10
CA ILE A 317 14.98 -3.77 -9.49
CA ILE A 317 14.98 -3.77 -9.49
C ILE A 317 13.67 -3.33 -10.13
N LYS A 318 13.09 -4.18 -10.99
CA LYS A 318 11.85 -3.81 -11.68
C LYS A 318 10.70 -3.60 -10.71
N ARG A 319 10.67 -4.34 -9.60
CA ARG A 319 9.59 -4.19 -8.62
C ARG A 319 9.73 -2.93 -7.78
N MET A 320 10.82 -2.17 -7.93
CA MET A 320 10.96 -0.88 -7.28
C MET A 320 10.34 0.26 -8.07
N ARG A 321 9.96 0.02 -9.34
CA ARG A 321 9.29 1.03 -10.12
C ARG A 321 7.95 1.40 -9.49
N ALA A 322 7.55 2.66 -9.69
CA ALA A 322 6.28 3.11 -9.16
C ALA A 322 5.13 2.37 -9.86
N ARG A 323 3.99 2.30 -9.16
CA ARG A 323 2.83 1.54 -9.60
C ARG A 323 1.72 2.48 -10.03
N GLY A 324 1.08 2.17 -11.17
CA GLY A 324 -0.11 2.86 -11.59
C GLY A 324 0.17 4.24 -12.16
N LYS A 325 -0.92 4.95 -12.44
CA LYS A 325 -0.85 6.30 -12.97
C LYS A 325 -0.78 7.30 -11.82
N ALA A 326 0.03 8.34 -12.01
CA ALA A 326 0.20 9.40 -11.02
C ALA A 326 -0.60 10.62 -11.43
N LEU A 327 -1.18 11.28 -10.43
CA LEU A 327 -1.87 12.55 -10.68
C LEU A 327 -0.85 13.65 -10.95
N LYS A 328 -1.14 14.47 -11.96
CA LYS A 328 -0.34 15.67 -12.18
C LYS A 328 -0.57 16.65 -11.04
N TRP A 329 0.38 17.56 -10.87
CA TRP A 329 0.40 18.42 -9.69
C TRP A 329 -0.91 19.21 -9.54
N ASP A 330 -1.44 19.73 -10.65
CA ASP A 330 -2.65 20.55 -10.57
C ASP A 330 -3.82 19.74 -10.03
N LYS A 331 -3.90 18.45 -10.35
CA LYS A 331 -4.97 17.62 -9.82
C LYS A 331 -4.69 17.16 -8.40
N LEU A 332 -3.42 16.92 -8.06
CA LEU A 332 -3.09 16.41 -6.74
C LEU A 332 -3.45 17.40 -5.64
N ILE A 333 -3.10 18.68 -5.83
CA ILE A 333 -3.27 19.66 -4.78
C ILE A 333 -4.73 19.94 -4.47
N ALA A 334 -5.63 19.56 -5.38
CA ALA A 334 -7.07 19.68 -5.14
C ALA A 334 -7.72 18.35 -4.81
N GLN A 335 -6.95 17.29 -4.66
CA GLN A 335 -7.52 15.98 -4.38
C GLN A 335 -8.00 15.91 -2.92
N PRO A 336 -9.19 15.36 -2.66
CA PRO A 336 -9.65 15.27 -1.27
C PRO A 336 -8.67 14.53 -0.36
N GLU A 337 -8.16 13.38 -0.80
CA GLU A 337 -7.23 12.61 0.03
C GLU A 337 -5.98 13.40 0.34
N TYR A 338 -5.41 14.06 -0.68
CA TYR A 338 -4.25 14.91 -0.47
C TYR A 338 -4.55 15.99 0.57
N LEU A 339 -5.64 16.74 0.37
CA LEU A 339 -6.00 17.78 1.31
C LEU A 339 -6.27 17.22 2.70
N GLN A 340 -6.81 15.99 2.79
CA GLN A 340 -7.02 15.39 4.10
C GLN A 340 -5.69 15.12 4.80
N ALA A 341 -4.70 14.63 4.05
CA ALA A 341 -3.39 14.37 4.63
C ALA A 341 -2.76 15.67 5.13
N GLN A 342 -2.87 16.74 4.33
CA GLN A 342 -2.29 18.03 4.73
C GLN A 342 -2.87 18.51 6.05
N ALA A 343 -4.21 18.48 6.16
CA ALA A 343 -4.85 18.93 7.40
C ALA A 343 -4.38 18.10 8.58
N LEU A 344 -4.33 16.77 8.42
CA LEU A 344 -3.90 15.91 9.51
C LEU A 344 -2.46 16.21 9.91
N LEU A 345 -1.59 16.45 8.93
CA LEU A 345 -0.21 16.80 9.22
C LEU A 345 -0.13 18.15 9.92
N SER A 346 -0.87 19.15 9.42
CA SER A 346 -0.86 20.47 10.03
C SER A 346 -1.43 20.44 11.44
N SER A 347 -2.45 19.60 11.67
CA SER A 347 -3.09 19.56 12.98
CA SER A 347 -3.11 19.55 12.97
C SER A 347 -2.26 18.80 14.01
N ALA A 348 -1.56 17.75 13.58
CA ALA A 348 -0.80 16.94 14.52
C ALA A 348 0.56 17.53 14.83
N LEU A 349 1.13 18.30 13.91
CA LEU A 349 2.45 18.89 14.11
C LEU A 349 2.41 20.40 13.93
N LYS B 10 -14.81 4.17 -22.99
CA LYS B 10 -16.06 3.49 -22.69
C LYS B 10 -16.84 4.28 -21.64
N THR B 11 -18.14 4.01 -21.55
CA THR B 11 -19.03 4.82 -20.73
C THR B 11 -18.56 4.87 -19.28
N THR B 12 -18.74 6.03 -18.66
CA THR B 12 -18.34 6.20 -17.27
C THR B 12 -19.19 5.28 -16.38
N PRO B 13 -18.62 4.71 -15.32
CA PRO B 13 -19.39 3.76 -14.50
C PRO B 13 -20.54 4.44 -13.77
N GLY B 14 -21.65 3.71 -13.66
CA GLY B 14 -22.82 4.21 -12.99
C GLY B 14 -22.80 3.90 -11.51
N PRO B 15 -23.90 4.19 -10.81
CA PRO B 15 -23.96 3.96 -9.36
C PRO B 15 -24.48 2.59 -8.93
N VAL B 16 -24.75 1.67 -9.86
CA VAL B 16 -25.37 0.39 -9.53
C VAL B 16 -24.32 -0.71 -9.68
N MET B 17 -24.11 -1.47 -8.63
CA MET B 17 -23.31 -2.69 -8.67
C MET B 17 -24.25 -3.89 -8.62
N LEU B 18 -24.24 -4.68 -9.67
CA LEU B 18 -25.05 -5.89 -9.75
C LEU B 18 -24.15 -7.10 -9.98
N ASP B 19 -24.71 -8.22 -10.39
CA ASP B 19 -23.92 -9.40 -10.72
C ASP B 19 -24.42 -9.97 -12.04
N VAL B 20 -23.58 -10.81 -12.64
CA VAL B 20 -23.91 -11.41 -13.93
C VAL B 20 -24.57 -12.76 -13.70
N VAL B 21 -24.92 -13.44 -14.78
CA VAL B 21 -25.81 -14.60 -14.70
C VAL B 21 -25.04 -15.86 -14.32
N GLY B 22 -23.82 -16.02 -14.81
CA GLY B 22 -23.09 -17.25 -14.55
C GLY B 22 -21.60 -17.21 -14.86
N THR B 23 -21.08 -18.33 -15.36
CA THR B 23 -19.65 -18.45 -15.62
C THR B 23 -19.24 -17.78 -16.91
N THR B 24 -20.17 -17.57 -17.84
CA THR B 24 -19.91 -16.84 -19.07
C THR B 24 -21.01 -15.80 -19.25
N LEU B 25 -20.68 -14.76 -20.00
CA LEU B 25 -21.59 -13.64 -20.18
C LEU B 25 -22.72 -14.02 -21.15
N SER B 26 -23.95 -13.67 -20.79
CA SER B 26 -25.10 -13.85 -21.66
C SER B 26 -25.47 -12.54 -22.31
N ARG B 27 -26.38 -12.61 -23.27
CA ARG B 27 -26.86 -11.40 -23.94
C ARG B 27 -27.57 -10.48 -22.94
N ASP B 28 -28.31 -11.05 -22.00
CA ASP B 28 -28.94 -10.23 -20.96
C ASP B 28 -27.88 -9.55 -20.10
N ASP B 29 -26.80 -10.26 -19.76
CA ASP B 29 -25.70 -9.63 -19.03
C ASP B 29 -25.11 -8.48 -19.84
N ALA B 30 -24.89 -8.70 -21.15
CA ALA B 30 -24.30 -7.66 -21.98
C ALA B 30 -25.17 -6.40 -22.00
N ARG B 31 -26.48 -6.57 -22.05
CA ARG B 31 -27.37 -5.42 -22.04
C ARG B 31 -27.20 -4.61 -20.77
N ARG B 32 -27.16 -5.29 -19.62
CA ARG B 32 -27.07 -4.58 -18.34
C ARG B 32 -25.70 -3.93 -18.16
N LEU B 33 -24.63 -4.63 -18.55
CA LEU B 33 -23.28 -4.08 -18.37
C LEU B 33 -23.09 -2.81 -19.17
N ALA B 34 -23.77 -2.66 -20.30
CA ALA B 34 -23.66 -1.45 -21.10
C ALA B 34 -24.59 -0.34 -20.62
N HIS B 35 -25.42 -0.61 -19.61
CA HIS B 35 -26.34 0.42 -19.13
C HIS B 35 -25.54 1.52 -18.43
N PRO B 36 -25.82 2.80 -18.73
CA PRO B 36 -25.04 3.87 -18.08
C PRO B 36 -25.11 3.84 -16.56
N ASN B 37 -26.22 3.39 -15.99
CA ASN B 37 -26.34 3.34 -14.54
C ASN B 37 -25.61 2.16 -13.91
N THR B 38 -25.08 1.23 -14.71
CA THR B 38 -24.26 0.16 -14.18
C THR B 38 -22.82 0.65 -14.03
N GLY B 39 -22.22 0.37 -12.88
CA GLY B 39 -20.85 0.78 -12.64
C GLY B 39 -20.02 -0.27 -11.93
N GLY B 40 -20.62 -1.41 -11.61
CA GLY B 40 -19.92 -2.44 -10.86
C GLY B 40 -20.54 -3.80 -11.03
N VAL B 41 -19.69 -4.82 -10.93
CA VAL B 41 -20.12 -6.22 -10.89
C VAL B 41 -19.53 -6.84 -9.62
N ILE B 42 -20.36 -7.60 -8.89
CA ILE B 42 -19.91 -8.34 -7.73
C ILE B 42 -20.05 -9.83 -8.04
N LEU B 43 -19.03 -10.59 -7.67
CA LEU B 43 -18.96 -12.02 -8.00
C LEU B 43 -19.28 -12.88 -6.78
N PHE B 44 -19.71 -14.11 -7.06
CA PHE B 44 -20.03 -15.09 -6.04
C PHE B 44 -19.52 -16.45 -6.49
N ALA B 45 -19.73 -17.48 -5.65
CA ALA B 45 -19.35 -18.83 -6.03
C ALA B 45 -20.00 -19.24 -7.34
N ARG B 46 -21.26 -18.84 -7.53
CA ARG B 46 -21.99 -18.97 -8.78
C ARG B 46 -21.11 -18.76 -10.01
N HIS B 47 -20.17 -17.82 -9.94
CA HIS B 47 -19.42 -17.36 -11.10
C HIS B 47 -18.03 -17.96 -11.20
N PHE B 48 -17.71 -18.96 -10.39
CA PHE B 48 -16.37 -19.54 -10.37
C PHE B 48 -16.46 -21.04 -10.59
N GLN B 49 -15.82 -21.50 -11.66
CA GLN B 49 -15.61 -22.92 -11.91
C GLN B 49 -14.14 -23.28 -11.96
N ASN B 50 -13.32 -22.43 -12.57
CA ASN B 50 -11.87 -22.55 -12.51
C ASN B 50 -11.28 -21.19 -12.87
N ARG B 51 -9.97 -21.04 -12.66
CA ARG B 51 -9.33 -19.76 -12.85
C ARG B 51 -9.42 -19.32 -14.31
N ALA B 52 -9.13 -20.22 -15.24
CA ALA B 52 -9.19 -19.88 -16.66
C ALA B 52 -10.58 -19.35 -17.02
N GLN B 53 -11.63 -19.99 -16.51
CA GLN B 53 -12.99 -19.53 -16.76
C GLN B 53 -13.24 -18.18 -16.09
N LEU B 54 -12.85 -18.04 -14.83
CA LEU B 54 -13.05 -16.78 -14.13
C LEU B 54 -12.30 -15.65 -14.81
N THR B 55 -11.04 -15.88 -15.16
CA THR B 55 -10.27 -14.85 -15.84
C THR B 55 -10.91 -14.47 -17.17
N ALA B 56 -11.41 -15.45 -17.91
CA ALA B 56 -12.10 -15.16 -19.16
C ALA B 56 -13.39 -14.37 -18.91
N LEU B 57 -14.06 -14.65 -17.79
CA LEU B 57 -15.30 -13.92 -17.47
C LEU B 57 -15.01 -12.45 -17.23
N THR B 58 -13.97 -12.15 -16.43
CA THR B 58 -13.65 -10.76 -16.13
C THR B 58 -13.17 -10.02 -17.38
N ASP B 59 -12.42 -10.70 -18.25
CA ASP B 59 -12.04 -10.09 -19.52
C ASP B 59 -13.27 -9.71 -20.33
N SER B 60 -14.22 -10.64 -20.45
CA SER B 60 -15.43 -10.36 -21.24
C SER B 60 -16.24 -9.24 -20.61
N ILE B 61 -16.22 -9.12 -19.29
CA ILE B 61 -16.95 -8.05 -18.62
C ILE B 61 -16.36 -6.69 -19.00
N ARG B 62 -15.03 -6.59 -19.00
CA ARG B 62 -14.40 -5.32 -19.36
C ARG B 62 -14.48 -5.05 -20.85
N ALA B 63 -14.54 -6.11 -21.67
CA ALA B 63 -14.74 -5.92 -23.10
C ALA B 63 -16.04 -5.18 -23.39
N VAL B 64 -17.01 -5.26 -22.50
CA VAL B 64 -18.27 -4.52 -22.66
C VAL B 64 -18.21 -3.18 -21.95
N ARG B 65 -17.66 -3.14 -20.75
CA ARG B 65 -17.59 -1.92 -19.94
C ARG B 65 -16.19 -1.84 -19.35
N GLU B 66 -15.32 -1.06 -20.00
CA GLU B 66 -13.90 -1.06 -19.66
C GLU B 66 -13.68 -0.60 -18.22
N ASP B 67 -14.35 0.48 -17.81
CA ASP B 67 -14.13 1.09 -16.50
C ASP B 67 -15.05 0.54 -15.42
N ILE B 68 -15.52 -0.68 -15.55
CA ILE B 68 -16.41 -1.26 -14.56
C ILE B 68 -15.59 -1.76 -13.37
N LEU B 69 -16.18 -1.67 -12.18
CA LEU B 69 -15.56 -2.12 -10.94
C LEU B 69 -16.05 -3.54 -10.64
N ILE B 70 -15.12 -4.50 -10.63
CA ILE B 70 -15.44 -5.90 -10.36
C ILE B 70 -14.97 -6.23 -8.96
N ALA B 71 -15.89 -6.72 -8.12
CA ALA B 71 -15.62 -6.93 -6.71
C ALA B 71 -16.10 -8.32 -6.29
N VAL B 72 -15.70 -8.71 -5.08
CA VAL B 72 -16.04 -10.03 -4.53
C VAL B 72 -15.94 -9.94 -3.02
N ASP B 73 -16.65 -10.82 -2.33
CA ASP B 73 -16.54 -10.95 -0.88
C ASP B 73 -15.47 -11.99 -0.58
N HIS B 74 -14.23 -11.52 -0.41
CA HIS B 74 -13.12 -12.38 -0.01
C HIS B 74 -12.59 -11.85 1.31
N GLU B 75 -13.17 -12.33 2.40
CA GLU B 75 -12.72 -11.99 3.74
C GLU B 75 -11.79 -13.02 4.34
N GLY B 76 -11.96 -14.29 3.98
CA GLY B 76 -11.32 -15.39 4.65
C GLY B 76 -12.28 -16.12 5.58
N GLY B 77 -11.92 -17.35 5.91
CA GLY B 77 -12.77 -18.16 6.76
C GLY B 77 -14.08 -18.52 6.09
N ARG B 78 -15.19 -18.07 6.68
CA ARG B 78 -16.52 -18.43 6.19
C ARG B 78 -16.99 -17.59 5.01
N VAL B 79 -16.29 -16.50 4.67
CA VAL B 79 -16.67 -15.64 3.56
C VAL B 79 -15.48 -15.63 2.60
N GLN B 80 -15.50 -16.54 1.63
CA GLN B 80 -14.50 -16.59 0.57
C GLN B 80 -15.11 -17.34 -0.60
N ARG B 81 -15.39 -16.63 -1.69
CA ARG B 81 -16.17 -17.21 -2.78
C ARG B 81 -15.36 -18.25 -3.56
N PHE B 82 -14.08 -17.99 -3.76
CA PHE B 82 -13.22 -18.85 -4.57
C PHE B 82 -12.27 -19.60 -3.64
N ARG B 83 -12.45 -20.90 -3.54
CA ARG B 83 -11.66 -21.72 -2.62
C ARG B 83 -10.91 -22.86 -3.30
N THR B 84 -11.00 -22.98 -4.62
CA THR B 84 -10.45 -24.13 -5.33
C THR B 84 -9.62 -23.67 -6.52
N ASP B 85 -9.06 -24.65 -7.24
CA ASP B 85 -8.24 -24.39 -8.44
C ASP B 85 -7.06 -23.48 -8.13
N GLY B 86 -6.44 -23.67 -6.97
CA GLY B 86 -5.24 -22.95 -6.60
C GLY B 86 -5.46 -21.79 -5.65
N PHE B 87 -6.70 -21.30 -5.52
CA PHE B 87 -6.96 -20.23 -4.58
C PHE B 87 -6.62 -20.67 -3.16
N THR B 88 -5.89 -19.81 -2.45
CA THR B 88 -5.48 -20.11 -1.09
C THR B 88 -6.68 -19.92 -0.16
N VAL B 89 -7.06 -20.99 0.54
CA VAL B 89 -8.09 -20.88 1.57
C VAL B 89 -7.54 -20.01 2.69
N LEU B 90 -8.15 -18.87 2.89
CA LEU B 90 -7.62 -17.92 3.85
C LEU B 90 -8.27 -18.12 5.21
N PRO B 91 -7.55 -17.80 6.29
CA PRO B 91 -8.11 -17.99 7.63
C PRO B 91 -9.18 -16.95 7.94
N ALA B 92 -10.01 -17.28 8.93
CA ALA B 92 -10.94 -16.30 9.46
C ALA B 92 -10.17 -15.18 10.14
N MET B 93 -10.66 -13.95 10.01
CA MET B 93 -9.95 -12.80 10.55
C MET B 93 -9.79 -12.92 12.06
N ARG B 94 -10.69 -13.65 12.73
CA ARG B 94 -10.54 -13.89 14.16
C ARG B 94 -9.20 -14.53 14.47
N ARG B 95 -8.66 -15.34 13.54
CA ARG B 95 -7.37 -15.97 13.77
C ARG B 95 -6.28 -14.93 14.00
N LEU B 96 -6.31 -13.84 13.24
CA LEU B 96 -5.29 -12.81 13.38
C LEU B 96 -5.40 -12.09 14.72
N GLY B 97 -6.63 -11.89 15.20
CA GLY B 97 -6.80 -11.33 16.53
C GLY B 97 -6.27 -12.26 17.62
N GLU B 98 -6.50 -13.56 17.45
CA GLU B 98 -5.93 -14.52 18.38
C GLU B 98 -4.41 -14.50 18.32
N LEU B 99 -3.86 -14.35 17.12
CA LEU B 99 -2.40 -14.26 16.98
C LEU B 99 -1.86 -12.99 17.61
N TRP B 100 -2.62 -11.88 17.50
CA TRP B 100 -2.22 -10.64 18.16
C TRP B 100 -2.10 -10.82 19.67
N ASP B 101 -3.03 -11.57 20.27
CA ASP B 101 -2.99 -11.78 21.71
C ASP B 101 -1.73 -12.52 22.13
N ARG B 102 -1.14 -13.30 21.23
CA ARG B 102 0.09 -14.01 21.52
C ARG B 102 1.33 -13.20 21.14
N ASP B 103 1.32 -12.58 19.96
CA ASP B 103 2.49 -11.88 19.45
C ASP B 103 2.00 -10.73 18.58
N VAL B 104 2.09 -9.51 19.10
CA VAL B 104 1.54 -8.34 18.39
C VAL B 104 2.27 -8.12 17.07
N LEU B 105 3.60 -7.97 17.14
CA LEU B 105 4.36 -7.64 15.93
C LEU B 105 4.20 -8.71 14.87
N LEU B 106 4.25 -9.98 15.26
CA LEU B 106 4.07 -11.06 14.29
C LEU B 106 2.71 -10.96 13.61
N ALA B 107 1.67 -10.64 14.39
CA ALA B 107 0.33 -10.54 13.82
C ALA B 107 0.26 -9.52 12.70
N THR B 108 0.89 -8.36 12.89
CA THR B 108 0.91 -7.35 11.83
C THR B 108 1.62 -7.87 10.59
N LYS B 109 2.72 -8.59 10.79
CA LYS B 109 3.44 -9.18 9.66
C LYS B 109 2.56 -10.18 8.92
N VAL B 110 1.88 -11.05 9.66
CA VAL B 110 1.03 -12.07 9.04
C VAL B 110 -0.15 -11.42 8.32
N ALA B 111 -0.78 -10.42 8.96
CA ALA B 111 -1.92 -9.76 8.36
C ALA B 111 -1.58 -9.20 6.98
N THR B 112 -0.41 -8.56 6.86
CA THR B 112 0.01 -8.04 5.56
C THR B 112 0.16 -9.18 4.55
N ALA B 113 0.72 -10.32 4.99
CA ALA B 113 0.87 -11.46 4.10
C ALA B 113 -0.49 -11.99 3.65
N VAL B 114 -1.46 -12.05 4.56
CA VAL B 114 -2.81 -12.46 4.18
C VAL B 114 -3.37 -11.51 3.13
N GLY B 115 -3.23 -10.20 3.36
CA GLY B 115 -3.76 -9.23 2.41
C GLY B 115 -3.13 -9.36 1.03
N TYR B 116 -1.81 -9.55 0.98
CA TYR B 116 -1.12 -9.63 -0.30
C TYR B 116 -1.55 -10.87 -1.07
N ILE B 117 -1.60 -12.03 -0.41
CA ILE B 117 -2.09 -13.25 -1.05
C ILE B 117 -3.53 -13.04 -1.52
N LEU B 118 -4.36 -12.49 -0.63
CA LEU B 118 -5.76 -12.26 -0.94
C LEU B 118 -5.90 -11.44 -2.23
N ALA B 119 -5.21 -10.30 -2.28
CA ALA B 119 -5.36 -9.39 -3.41
C ALA B 119 -4.68 -9.92 -4.65
N ALA B 120 -3.46 -10.46 -4.51
CA ALA B 120 -2.70 -10.91 -5.68
C ALA B 120 -3.44 -12.01 -6.43
N GLU B 121 -4.06 -12.95 -5.71
CA GLU B 121 -4.79 -14.02 -6.37
C GLU B 121 -6.03 -13.49 -7.09
N LEU B 122 -6.71 -12.51 -6.49
CA LEU B 122 -7.85 -11.88 -7.17
C LEU B 122 -7.38 -11.08 -8.38
N ARG B 123 -6.34 -10.27 -8.24
CA ARG B 123 -5.82 -9.51 -9.37
C ARG B 123 -5.50 -10.44 -10.54
N ALA B 124 -4.88 -11.58 -10.25
CA ALA B 124 -4.50 -12.51 -11.30
C ALA B 124 -5.71 -12.94 -12.13
N CYS B 125 -6.90 -12.89 -11.56
CA CYS B 125 -8.12 -13.26 -12.26
C CYS B 125 -8.92 -12.05 -12.74
N GLY B 126 -8.36 -10.84 -12.61
CA GLY B 126 -9.01 -9.66 -13.16
C GLY B 126 -10.06 -9.03 -12.27
N ILE B 127 -10.03 -9.28 -10.97
CA ILE B 127 -10.93 -8.64 -10.02
C ILE B 127 -10.25 -7.39 -9.48
N ASP B 128 -11.06 -6.34 -9.26
CA ASP B 128 -10.51 -5.07 -8.78
C ASP B 128 -10.31 -5.07 -7.28
N MET B 129 -11.31 -5.49 -6.52
CA MET B 129 -11.31 -5.29 -5.08
C MET B 129 -12.05 -6.42 -4.38
N SER B 130 -11.80 -6.51 -3.08
CA SER B 130 -12.55 -7.40 -2.19
C SER B 130 -13.20 -6.55 -1.10
N PHE B 131 -14.44 -6.89 -0.75
CA PHE B 131 -15.15 -6.18 0.31
C PHE B 131 -14.63 -6.66 1.65
N THR B 132 -13.46 -6.16 2.00
CA THR B 132 -12.78 -6.50 3.25
C THR B 132 -11.95 -5.27 3.61
N PRO B 133 -11.64 -5.06 4.89
CA PRO B 133 -11.86 -5.88 6.09
C PRO B 133 -13.14 -5.60 6.86
N VAL B 134 -13.63 -6.61 7.56
CA VAL B 134 -14.65 -6.40 8.58
C VAL B 134 -14.00 -5.65 9.74
N LEU B 135 -14.57 -4.50 10.08
CA LEU B 135 -14.14 -3.73 11.24
C LEU B 135 -15.09 -3.88 12.42
N ASP B 136 -16.15 -4.69 12.28
CA ASP B 136 -17.05 -4.93 13.39
C ASP B 136 -16.30 -5.49 14.58
N LEU B 137 -16.60 -4.97 15.77
CA LEU B 137 -15.96 -5.47 16.98
C LEU B 137 -16.60 -6.79 17.40
N ASP B 138 -15.82 -7.62 18.10
CA ASP B 138 -16.26 -8.94 18.52
C ASP B 138 -16.92 -8.82 19.88
N TYR B 139 -18.22 -8.49 19.88
CA TYR B 139 -19.00 -8.39 21.10
C TYR B 139 -19.56 -9.73 21.55
N GLY B 140 -19.42 -10.78 20.76
CA GLY B 140 -20.08 -12.03 21.06
C GLY B 140 -21.59 -11.96 20.94
N HIS B 141 -22.12 -10.95 20.25
CA HIS B 141 -23.55 -10.78 20.09
C HIS B 141 -24.08 -11.33 18.78
N SER B 142 -23.27 -11.32 17.72
CA SER B 142 -23.71 -11.71 16.38
C SER B 142 -22.98 -12.97 15.95
N LYS B 143 -23.74 -14.00 15.58
CA LYS B 143 -23.16 -15.19 14.97
C LYS B 143 -22.96 -15.01 13.47
N VAL B 144 -23.69 -14.09 12.84
CA VAL B 144 -23.49 -13.80 11.42
C VAL B 144 -22.09 -13.25 11.21
N ILE B 145 -21.65 -12.35 12.10
CA ILE B 145 -20.27 -11.86 12.06
C ILE B 145 -19.36 -12.95 12.60
N GLY B 146 -19.47 -13.24 13.88
CA GLY B 146 -18.71 -14.33 14.47
C GLY B 146 -17.23 -14.14 14.23
N ASP B 147 -16.58 -15.21 13.75
CA ASP B 147 -15.14 -15.19 13.49
C ASP B 147 -14.75 -14.32 12.30
N ARG B 148 -15.68 -13.57 11.71
CA ARG B 148 -15.33 -12.60 10.68
C ARG B 148 -14.69 -11.34 11.26
N ALA B 149 -14.88 -11.09 12.56
CA ALA B 149 -14.31 -9.92 13.21
C ALA B 149 -12.93 -10.25 13.76
N PHE B 150 -12.02 -9.28 13.67
CA PHE B 150 -10.65 -9.50 14.13
C PHE B 150 -10.59 -9.72 15.64
N HIS B 151 -11.24 -8.85 16.40
CA HIS B 151 -10.93 -8.69 17.81
C HIS B 151 -12.06 -7.90 18.46
N ARG B 152 -12.05 -7.87 19.79
CA ARG B 152 -12.98 -7.03 20.54
C ARG B 152 -12.46 -5.60 20.67
N ASP B 153 -11.14 -5.46 20.83
CA ASP B 153 -10.55 -4.16 21.09
C ASP B 153 -10.46 -3.35 19.80
N PRO B 154 -11.04 -2.16 19.72
CA PRO B 154 -10.97 -1.39 18.46
C PRO B 154 -9.56 -1.01 18.06
N ARG B 155 -8.67 -0.81 19.04
CA ARG B 155 -7.27 -0.52 18.72
C ARG B 155 -6.58 -1.71 18.06
N VAL B 156 -6.97 -2.93 18.43
CA VAL B 156 -6.43 -4.12 17.79
C VAL B 156 -7.02 -4.29 16.40
N VAL B 157 -8.33 -4.03 16.25
CA VAL B 157 -8.97 -4.11 14.95
C VAL B 157 -8.31 -3.14 13.97
N THR B 158 -8.04 -1.92 14.42
CA THR B 158 -7.46 -0.91 13.54
C THR B 158 -6.12 -1.38 12.98
N LEU B 159 -5.19 -1.77 13.85
CA LEU B 159 -3.83 -2.08 13.41
C LEU B 159 -3.78 -3.38 12.64
N LEU B 160 -4.61 -4.37 12.99
CA LEU B 160 -4.67 -5.59 12.19
C LEU B 160 -5.28 -5.31 10.81
N ALA B 161 -6.39 -4.56 10.78
CA ALA B 161 -6.99 -4.21 9.51
C ALA B 161 -6.06 -3.32 8.68
N LYS B 162 -5.34 -2.42 9.35
CA LYS B 162 -4.39 -1.56 8.62
C LYS B 162 -3.28 -2.39 8.00
N SER B 163 -2.77 -3.38 8.73
CA SER B 163 -1.73 -4.25 8.18
C SER B 163 -2.29 -5.08 7.03
N LEU B 164 -3.53 -5.56 7.14
CA LEU B 164 -4.15 -6.26 6.03
C LEU B 164 -4.29 -5.35 4.81
N ASN B 165 -4.85 -4.16 5.02
CA ASN B 165 -5.01 -3.21 3.92
C ASN B 165 -3.67 -2.87 3.29
N HIS B 166 -2.60 -2.85 4.09
CA HIS B 166 -1.27 -2.64 3.53
C HIS B 166 -0.91 -3.75 2.55
N GLY B 167 -1.23 -5.00 2.92
CA GLY B 167 -0.95 -6.11 2.01
C GLY B 167 -1.79 -6.05 0.76
N LEU B 168 -3.05 -5.64 0.88
CA LEU B 168 -3.88 -5.44 -0.31
C LEU B 168 -3.26 -4.39 -1.22
N SER B 169 -2.71 -3.32 -0.64
CA SER B 169 -2.14 -2.24 -1.44
C SER B 169 -0.85 -2.66 -2.12
N LEU B 170 -0.12 -3.64 -1.55
CA LEU B 170 1.09 -4.13 -2.20
C LEU B 170 0.78 -4.73 -3.56
N ALA B 171 -0.42 -5.29 -3.73
CA ALA B 171 -0.88 -5.82 -5.01
C ALA B 171 -1.71 -4.80 -5.79
N GLY B 172 -1.74 -3.55 -5.35
CA GLY B 172 -2.48 -2.51 -6.04
C GLY B 172 -3.98 -2.52 -5.79
N MET B 173 -4.45 -3.25 -4.78
CA MET B 173 -5.87 -3.38 -4.51
C MET B 173 -6.28 -2.47 -3.34
N ALA B 174 -7.47 -1.88 -3.45
CA ALA B 174 -8.01 -1.04 -2.40
C ALA B 174 -8.60 -1.92 -1.28
N ASN B 175 -9.57 -1.37 -0.55
CA ASN B 175 -10.17 -2.09 0.56
C ASN B 175 -11.52 -1.45 0.87
N CYS B 176 -12.31 -2.13 1.71
CA CYS B 176 -13.61 -1.60 2.10
C CYS B 176 -13.90 -2.06 3.52
N GLY B 177 -13.91 -1.12 4.47
CA GLY B 177 -14.26 -1.45 5.84
C GLY B 177 -15.78 -1.58 6.00
N LYS B 178 -16.18 -2.52 6.83
CA LYS B 178 -17.61 -2.75 7.04
C LYS B 178 -17.87 -3.37 8.42
N HIS B 179 -19.08 -3.20 8.98
CA HIS B 179 -20.20 -2.50 8.37
C HIS B 179 -20.52 -1.24 9.16
N PHE B 180 -20.17 -0.09 8.59
CA PHE B 180 -20.21 1.19 9.30
C PHE B 180 -21.61 1.57 9.77
N PRO B 181 -21.74 2.11 11.00
CA PRO B 181 -20.73 2.40 12.02
C PRO B 181 -20.37 1.23 12.95
N GLY B 182 -20.91 0.05 12.67
CA GLY B 182 -20.61 -1.11 13.49
C GLY B 182 -21.79 -2.04 13.64
N HIS B 183 -21.64 -3.28 13.17
CA HIS B 183 -22.69 -4.28 13.20
C HIS B 183 -22.46 -5.33 14.27
N GLY B 184 -21.45 -5.15 15.12
CA GLY B 184 -21.09 -6.18 16.08
C GLY B 184 -21.99 -6.28 17.29
N PHE B 185 -22.77 -5.24 17.58
CA PHE B 185 -23.60 -5.22 18.77
C PHE B 185 -25.01 -5.76 18.53
N ALA B 186 -25.48 -5.75 17.29
CA ALA B 186 -26.81 -6.24 16.95
C ALA B 186 -26.70 -7.44 16.03
N GLU B 187 -27.49 -8.48 16.31
CA GLU B 187 -27.48 -9.70 15.50
C GLU B 187 -27.67 -9.40 14.02
N LEU B 194 -35.35 -4.80 10.33
CA LEU B 194 -33.92 -4.55 10.42
C LEU B 194 -33.42 -4.62 11.86
N PRO B 195 -32.19 -5.08 12.07
CA PRO B 195 -31.63 -5.08 13.42
C PRO B 195 -31.63 -3.69 14.03
N THR B 196 -31.68 -3.63 15.35
CA THR B 196 -31.64 -2.38 16.09
C THR B 196 -30.45 -2.36 17.03
N ASP B 197 -29.96 -1.16 17.31
CA ASP B 197 -28.84 -0.94 18.23
C ASP B 197 -29.20 0.26 19.08
N ASP B 198 -29.45 0.03 20.38
CA ASP B 198 -29.98 1.06 21.27
C ASP B 198 -28.91 1.66 22.17
N ARG B 199 -27.68 1.78 21.70
CA ARG B 199 -26.62 2.40 22.49
C ARG B 199 -26.58 3.90 22.26
N THR B 200 -25.92 4.60 23.17
CA THR B 200 -25.72 6.03 23.01
C THR B 200 -24.82 6.30 21.81
N LEU B 201 -24.96 7.51 21.25
CA LEU B 201 -24.09 7.93 20.16
C LEU B 201 -22.63 7.73 20.51
N ASP B 202 -22.20 8.25 21.67
CA ASP B 202 -20.79 8.19 22.03
C ASP B 202 -20.31 6.77 22.27
N ALA B 203 -21.16 5.90 22.82
CA ALA B 203 -20.79 4.50 22.96
C ALA B 203 -20.43 3.90 21.61
N ILE B 204 -21.11 4.33 20.55
CA ILE B 204 -20.84 3.82 19.20
C ILE B 204 -19.64 4.53 18.60
N LEU B 205 -19.54 5.85 18.78
CA LEU B 205 -18.45 6.60 18.17
C LEU B 205 -17.09 6.19 18.72
N GLU B 206 -17.00 6.04 20.04
CA GLU B 206 -15.69 5.81 20.68
C GLU B 206 -15.18 4.39 20.48
N GLN B 207 -16.04 3.44 20.17
CA GLN B 207 -15.64 2.04 20.06
C GLN B 207 -15.78 1.54 18.62
N ASP B 208 -17.01 1.32 18.14
CA ASP B 208 -17.20 0.70 16.84
C ASP B 208 -16.69 1.59 15.71
N VAL B 209 -16.88 2.90 15.82
CA VAL B 209 -16.43 3.81 14.77
C VAL B 209 -14.94 4.10 14.86
N ALA B 210 -14.31 3.86 16.00
CA ALA B 210 -12.92 4.22 16.18
C ALA B 210 -12.00 3.67 15.10
N PRO B 211 -12.13 2.42 14.64
CA PRO B 211 -11.23 1.94 13.58
C PRO B 211 -11.36 2.73 12.28
N TYR B 212 -12.59 3.06 11.87
CA TYR B 212 -12.77 3.86 10.66
C TYR B 212 -12.03 5.18 10.78
N ASP B 213 -12.07 5.78 11.97
CA ASP B 213 -11.44 7.08 12.18
C ASP B 213 -9.92 6.96 12.20
N TRP B 214 -9.40 5.99 12.95
CA TRP B 214 -7.96 5.85 13.12
C TRP B 214 -7.27 5.40 11.83
N LEU B 215 -7.98 4.69 10.96
CA LEU B 215 -7.35 4.17 9.74
C LEU B 215 -6.91 5.31 8.83
N GLY B 216 -7.67 6.39 8.79
CA GLY B 216 -7.29 7.52 7.94
C GLY B 216 -7.32 7.12 6.47
N LEU B 217 -6.25 7.48 5.75
CA LEU B 217 -6.16 7.16 4.34
C LEU B 217 -6.04 5.65 4.10
N SER B 218 -5.65 4.88 5.10
CA SER B 218 -5.60 3.44 4.96
CA SER B 218 -5.61 3.43 4.96
C SER B 218 -6.99 2.83 4.77
N LEU B 219 -8.05 3.60 4.99
CA LEU B 219 -9.42 3.17 4.74
C LEU B 219 -9.86 3.75 3.41
N ALA B 220 -10.06 2.89 2.41
CA ALA B 220 -10.38 3.33 1.06
C ALA B 220 -11.87 3.44 0.81
N ALA B 221 -12.67 2.60 1.45
CA ALA B 221 -14.11 2.60 1.22
C ALA B 221 -14.81 2.07 2.46
N VAL B 222 -16.14 2.18 2.46
CA VAL B 222 -16.98 1.77 3.58
C VAL B 222 -18.26 1.16 3.05
N ILE B 223 -18.73 0.11 3.69
CA ILE B 223 -20.09 -0.41 3.53
C ILE B 223 -20.86 -0.08 4.80
N PRO B 224 -21.90 0.75 4.74
CA PRO B 224 -22.70 0.99 5.96
C PRO B 224 -23.58 -0.21 6.27
N ALA B 225 -23.84 -0.38 7.57
CA ALA B 225 -24.66 -1.50 8.03
C ALA B 225 -26.14 -1.19 7.84
N HIS B 226 -26.91 -2.24 7.54
CA HIS B 226 -28.37 -2.15 7.52
C HIS B 226 -28.88 -2.28 8.95
N VAL B 227 -28.58 -1.28 9.76
CA VAL B 227 -28.89 -1.27 11.19
C VAL B 227 -29.44 0.09 11.56
N ILE B 228 -30.51 0.09 12.35
CA ILE B 228 -31.08 1.32 12.88
C ILE B 228 -30.50 1.55 14.27
N TYR B 229 -29.84 2.69 14.43
CA TYR B 229 -29.24 3.09 15.71
C TYR B 229 -30.20 4.07 16.36
N THR B 230 -31.08 3.52 17.21
CA THR B 230 -32.30 4.23 17.60
C THR B 230 -31.99 5.57 18.27
N GLN B 231 -31.00 5.60 19.15
CA GLN B 231 -30.67 6.85 19.83
C GLN B 231 -30.12 7.91 18.90
N VAL B 232 -29.69 7.52 17.69
CA VAL B 232 -29.02 8.43 16.77
C VAL B 232 -29.93 8.84 15.61
N ASP B 233 -30.44 7.86 14.87
CA ASP B 233 -31.26 8.14 13.70
C ASP B 233 -32.26 7.00 13.50
N LYS B 234 -33.45 7.36 13.02
CA LYS B 234 -34.47 6.36 12.74
C LYS B 234 -34.18 5.60 11.45
N ARG B 235 -33.45 6.20 10.52
CA ARG B 235 -33.12 5.53 9.27
C ARG B 235 -31.94 4.60 9.46
N PRO B 236 -31.90 3.48 8.72
CA PRO B 236 -30.71 2.63 8.75
C PRO B 236 -29.48 3.42 8.34
N ALA B 237 -28.31 2.98 8.81
CA ALA B 237 -27.09 3.71 8.53
C ALA B 237 -26.89 3.94 7.03
N GLY B 238 -27.17 2.93 6.21
CA GLY B 238 -27.02 3.07 4.77
C GLY B 238 -27.94 4.10 4.16
N PHE B 239 -29.01 4.48 4.86
CA PHE B 239 -29.94 5.49 4.39
C PHE B 239 -29.94 6.74 5.26
N SER B 240 -28.92 6.92 6.10
CA SER B 240 -28.92 7.94 7.14
C SER B 240 -27.96 9.06 6.77
N ARG B 241 -28.48 10.29 6.73
CA ARG B 241 -27.60 11.45 6.58
C ARG B 241 -26.75 11.66 7.82
N VAL B 242 -27.26 11.33 9.00
CA VAL B 242 -26.47 11.45 10.23
C VAL B 242 -25.18 10.65 10.10
N TRP B 243 -25.31 9.36 9.80
CA TRP B 243 -24.15 8.47 9.83
C TRP B 243 -23.21 8.75 8.67
N LEU B 244 -23.76 9.01 7.47
CA LEU B 244 -22.92 9.14 6.28
C LEU B 244 -22.40 10.56 6.10
N GLN B 245 -23.26 11.57 6.27
CA GLN B 245 -22.84 12.94 6.01
C GLN B 245 -22.27 13.61 7.25
N ASP B 246 -22.94 13.47 8.39
CA ASP B 246 -22.51 14.18 9.60
C ASP B 246 -21.30 13.49 10.23
N ILE B 247 -21.39 12.18 10.45
CA ILE B 247 -20.32 11.46 11.14
C ILE B 247 -19.19 11.12 10.17
N LEU B 248 -19.50 10.38 9.12
CA LEU B 248 -18.46 9.81 8.27
C LEU B 248 -17.78 10.89 7.43
N ARG B 249 -18.54 11.54 6.54
CA ARG B 249 -17.95 12.57 5.70
C ARG B 249 -17.46 13.74 6.52
N GLY B 250 -18.29 14.22 7.46
CA GLY B 250 -17.96 15.39 8.24
C GLY B 250 -16.95 15.15 9.34
N LYS B 251 -17.40 14.57 10.46
CA LYS B 251 -16.52 14.38 11.61
C LYS B 251 -15.23 13.66 11.22
N LEU B 252 -15.36 12.52 10.54
CA LEU B 252 -14.19 11.74 10.17
C LEU B 252 -13.46 12.28 8.94
N GLY B 253 -14.06 13.21 8.21
CA GLY B 253 -13.43 13.71 7.01
C GLY B 253 -13.18 12.65 5.96
N PHE B 254 -14.00 11.59 5.95
CA PHE B 254 -13.80 10.51 5.01
C PHE B 254 -14.08 10.97 3.59
N THR B 255 -13.20 10.61 2.66
CA THR B 255 -13.33 10.99 1.26
C THR B 255 -13.44 9.79 0.31
N GLY B 256 -13.38 8.56 0.83
CA GLY B 256 -13.45 7.39 0.00
C GLY B 256 -14.87 7.05 -0.43
N ALA B 257 -14.98 5.95 -1.16
CA ALA B 257 -16.27 5.53 -1.71
C ALA B 257 -17.10 4.82 -0.65
N ILE B 258 -18.42 4.97 -0.75
CA ILE B 258 -19.38 4.33 0.14
C ILE B 258 -20.24 3.39 -0.69
N PHE B 259 -20.17 2.11 -0.38
CA PHE B 259 -21.00 1.09 -1.01
C PHE B 259 -22.11 0.69 -0.04
N SER B 260 -23.35 0.69 -0.52
CA SER B 260 -24.42 0.17 0.31
C SER B 260 -24.25 -1.33 0.50
N ASP B 261 -24.71 -1.83 1.64
CA ASP B 261 -24.82 -3.26 1.79
C ASP B 261 -25.92 -3.77 0.86
N ASP B 262 -25.96 -5.09 0.70
CA ASP B 262 -26.84 -5.71 -0.29
C ASP B 262 -28.28 -5.24 -0.12
N LEU B 263 -28.79 -4.47 -1.08
CA LEU B 263 -30.17 -4.00 -1.01
C LEU B 263 -31.18 -5.11 -1.26
N SER B 264 -30.73 -6.29 -1.68
CA SER B 264 -31.64 -7.41 -1.92
C SER B 264 -32.22 -7.97 -0.63
N MET B 265 -31.68 -7.61 0.52
CA MET B 265 -32.29 -7.99 1.78
C MET B 265 -33.66 -7.34 1.91
N GLU B 266 -34.71 -8.16 1.98
CA GLU B 266 -36.08 -7.64 1.98
C GLU B 266 -36.25 -6.53 3.01
N ALA B 267 -35.61 -6.66 4.17
CA ALA B 267 -35.78 -5.68 5.24
C ALA B 267 -35.13 -4.35 4.88
N ALA B 268 -34.10 -4.37 4.03
CA ALA B 268 -33.40 -3.13 3.69
C ALA B 268 -34.33 -2.14 3.00
N ARG B 269 -35.31 -2.63 2.25
CA ARG B 269 -36.24 -1.77 1.52
C ARG B 269 -37.45 -1.39 2.36
N GLU B 270 -37.53 -1.85 3.61
CA GLU B 270 -38.68 -1.63 4.50
C GLU B 270 -39.41 -0.31 4.25
N GLY B 271 -40.46 -0.31 3.44
CA GLY B 271 -40.95 -1.46 2.70
C GLY B 271 -41.41 -1.07 1.31
N GLY B 272 -40.69 -0.13 0.70
CA GLY B 272 -40.97 0.34 -0.64
C GLY B 272 -40.30 -0.52 -1.70
N THR B 273 -40.05 0.08 -2.86
CA THR B 273 -39.47 -0.64 -3.97
C THR B 273 -37.95 -0.69 -3.85
N LEU B 274 -37.36 -1.70 -4.50
CA LEU B 274 -35.91 -1.78 -4.57
C LEU B 274 -35.32 -0.52 -5.17
N THR B 275 -36.01 0.08 -6.14
CA THR B 275 -35.54 1.32 -6.75
C THR B 275 -35.56 2.46 -5.74
N GLN B 276 -36.58 2.51 -4.88
CA GLN B 276 -36.66 3.57 -3.88
C GLN B 276 -35.58 3.40 -2.82
N ALA B 277 -35.26 2.16 -2.44
CA ALA B 277 -34.16 1.94 -1.53
C ALA B 277 -32.84 2.43 -2.13
N ALA B 278 -32.62 2.14 -3.42
CA ALA B 278 -31.41 2.59 -4.08
C ALA B 278 -31.34 4.12 -4.10
N ASP B 279 -32.42 4.77 -4.53
CA ASP B 279 -32.44 6.23 -4.53
C ASP B 279 -32.23 6.79 -3.12
N ALA B 280 -32.76 6.11 -2.12
CA ALA B 280 -32.57 6.56 -0.74
C ALA B 280 -31.13 6.41 -0.30
N ALA B 281 -30.48 5.30 -0.70
CA ALA B 281 -29.09 5.08 -0.33
C ALA B 281 -28.18 6.09 -1.01
N LEU B 282 -28.37 6.30 -2.32
CA LEU B 282 -27.56 7.27 -3.04
C LEU B 282 -27.76 8.68 -2.50
N ALA B 283 -29.01 9.04 -2.19
CA ALA B 283 -29.28 10.38 -1.67
C ALA B 283 -28.72 10.56 -0.26
N ALA B 284 -28.61 9.48 0.50
CA ALA B 284 -28.05 9.58 1.85
C ALA B 284 -26.56 9.83 1.81
N GLY B 285 -25.85 9.27 0.82
CA GLY B 285 -24.42 9.47 0.71
C GLY B 285 -23.68 8.34 0.04
N CYS B 286 -24.39 7.25 -0.30
CA CYS B 286 -23.75 6.14 -0.99
C CYS B 286 -23.34 6.55 -2.40
N ASP B 287 -22.14 6.16 -2.79
CA ASP B 287 -21.65 6.37 -4.15
C ASP B 287 -22.05 5.25 -5.09
N MET B 288 -22.38 4.08 -4.54
CA MET B 288 -22.72 2.92 -5.35
C MET B 288 -23.56 2.00 -4.49
N VAL B 289 -24.60 1.41 -5.08
CA VAL B 289 -25.52 0.53 -4.36
C VAL B 289 -25.33 -0.89 -4.88
N LEU B 290 -25.43 -1.86 -3.97
CA LEU B 290 -25.30 -3.27 -4.31
C LEU B 290 -26.68 -3.90 -4.42
N VAL B 291 -26.96 -4.50 -5.57
CA VAL B 291 -28.15 -5.31 -5.77
C VAL B 291 -27.65 -6.70 -6.18
N CYS B 292 -27.64 -7.62 -5.22
CA CYS B 292 -27.04 -8.93 -5.41
C CYS B 292 -28.10 -10.01 -5.64
N ASN B 293 -27.74 -10.99 -6.47
CA ASN B 293 -28.48 -12.24 -6.59
C ASN B 293 -29.87 -12.05 -7.21
N GLN B 294 -30.05 -11.00 -8.00
CA GLN B 294 -31.27 -10.87 -8.81
C GLN B 294 -31.05 -9.82 -9.89
N PRO B 295 -30.43 -10.20 -11.01
CA PRO B 295 -30.12 -9.21 -12.06
C PRO B 295 -31.34 -8.52 -12.62
N ASP B 296 -32.46 -9.23 -12.76
CA ASP B 296 -33.65 -8.63 -13.36
C ASP B 296 -34.21 -7.51 -12.49
N ALA B 297 -34.24 -7.72 -11.18
CA ALA B 297 -34.64 -6.65 -10.28
C ALA B 297 -33.62 -5.50 -10.31
N ALA B 298 -32.34 -5.82 -10.51
CA ALA B 298 -31.34 -4.78 -10.64
C ALA B 298 -31.57 -3.96 -11.90
N GLU B 299 -31.99 -4.61 -12.98
CA GLU B 299 -32.26 -3.89 -14.23
C GLU B 299 -33.42 -2.92 -14.07
N VAL B 300 -34.44 -3.29 -13.28
CA VAL B 300 -35.52 -2.36 -12.98
C VAL B 300 -34.94 -1.11 -12.30
N VAL B 301 -34.01 -1.30 -11.37
CA VAL B 301 -33.35 -0.16 -10.75
C VAL B 301 -32.63 0.68 -11.80
N LEU B 302 -31.86 0.03 -12.67
CA LEU B 302 -31.09 0.75 -13.68
C LEU B 302 -31.98 1.73 -14.46
N ASN B 303 -33.22 1.32 -14.75
CA ASN B 303 -34.09 2.13 -15.60
C ASN B 303 -35.03 3.04 -14.82
N GLY B 304 -35.29 2.74 -13.55
CA GLY B 304 -36.19 3.56 -12.75
C GLY B 304 -35.49 4.45 -11.76
N LEU B 305 -34.17 4.32 -11.65
CA LEU B 305 -33.41 5.09 -10.68
C LEU B 305 -33.51 6.57 -11.00
N LYS B 306 -33.97 7.36 -10.02
CA LYS B 306 -34.09 8.80 -10.17
C LYS B 306 -32.80 9.54 -9.83
N ALA B 307 -31.84 8.87 -9.20
CA ALA B 307 -30.61 9.53 -8.80
C ALA B 307 -29.92 10.16 -10.01
N ARG B 308 -29.27 11.29 -9.77
CA ARG B 308 -28.52 11.99 -10.80
C ARG B 308 -27.03 11.67 -10.66
N ALA B 309 -26.32 11.76 -11.78
CA ALA B 309 -24.89 11.50 -11.76
C ALA B 309 -24.16 12.63 -11.04
N SER B 310 -23.17 12.27 -10.24
CA SER B 310 -22.32 13.23 -9.56
C SER B 310 -20.87 12.88 -9.85
N ALA B 311 -20.12 13.85 -10.36
CA ALA B 311 -18.71 13.62 -10.64
C ALA B 311 -17.95 13.20 -9.39
N GLU B 312 -18.39 13.69 -8.22
CA GLU B 312 -17.74 13.30 -6.97
C GLU B 312 -17.79 11.79 -6.78
N SER B 313 -18.94 11.17 -7.04
CA SER B 313 -19.07 9.73 -6.86
C SER B 313 -18.23 8.98 -7.89
N VAL B 314 -18.15 9.50 -9.11
CA VAL B 314 -17.39 8.82 -10.16
C VAL B 314 -15.91 8.76 -9.79
N ARG B 315 -15.37 9.89 -9.31
CA ARG B 315 -13.96 9.91 -8.90
C ARG B 315 -13.71 8.85 -7.82
N ARG B 316 -14.55 8.83 -6.79
CA ARG B 316 -14.36 7.86 -5.71
C ARG B 316 -14.48 6.44 -6.23
N ILE B 317 -15.44 6.17 -7.11
CA ILE B 317 -15.59 4.83 -7.68
C ILE B 317 -14.39 4.48 -8.54
N LYS B 318 -13.91 5.44 -9.35
CA LYS B 318 -12.75 5.18 -10.18
C LYS B 318 -11.53 4.81 -9.34
N ARG B 319 -11.36 5.47 -8.19
CA ARG B 319 -10.22 5.20 -7.33
C ARG B 319 -10.33 3.86 -6.61
N MET B 320 -11.43 3.12 -6.78
CA MET B 320 -11.53 1.77 -6.25
C MET B 320 -11.02 0.73 -7.24
N ARG B 321 -10.86 1.09 -8.51
CA ARG B 321 -10.28 0.18 -9.48
C ARG B 321 -8.84 -0.14 -9.11
N ALA B 322 -8.45 -1.38 -9.33
CA ALA B 322 -7.10 -1.81 -8.99
C ALA B 322 -6.07 -0.91 -9.68
N ARG B 323 -4.97 -0.65 -8.98
CA ARG B 323 -3.93 0.25 -9.47
C ARG B 323 -2.80 -0.56 -10.09
N GLY B 324 -2.37 -0.16 -11.28
CA GLY B 324 -1.25 -0.79 -11.94
C GLY B 324 -1.61 -2.13 -12.56
N LYS B 325 -0.58 -2.76 -13.14
CA LYS B 325 -0.75 -4.06 -13.76
C LYS B 325 -0.65 -5.17 -12.72
N ALA B 326 -1.21 -6.33 -13.07
CA ALA B 326 -1.23 -7.49 -12.20
C ALA B 326 -0.44 -8.63 -12.83
N LEU B 327 0.18 -9.44 -11.99
CA LEU B 327 0.82 -10.66 -12.46
C LEU B 327 -0.22 -11.72 -12.78
N LYS B 328 -0.02 -12.43 -13.88
CA LYS B 328 -0.82 -13.59 -14.18
C LYS B 328 -0.51 -14.71 -13.18
N TRP B 329 -1.40 -15.70 -13.12
CA TRP B 329 -1.33 -16.69 -12.05
C TRP B 329 0.02 -17.38 -12.02
N ASP B 330 0.50 -17.85 -13.17
CA ASP B 330 1.71 -18.69 -13.19
C ASP B 330 2.95 -17.90 -12.80
N LYS B 331 2.95 -16.57 -13.01
CA LYS B 331 4.05 -15.76 -12.54
C LYS B 331 3.90 -15.39 -11.08
N LEU B 332 2.66 -15.29 -10.59
CA LEU B 332 2.42 -14.95 -9.20
C LEU B 332 2.87 -16.08 -8.28
N ILE B 333 2.46 -17.32 -8.58
CA ILE B 333 2.75 -18.45 -7.69
C ILE B 333 4.20 -18.89 -7.71
N ALA B 334 5.04 -18.28 -8.55
CA ALA B 334 6.48 -18.49 -8.52
C ALA B 334 7.21 -17.27 -7.98
N GLN B 335 6.48 -16.30 -7.40
CA GLN B 335 7.07 -15.03 -6.98
C GLN B 335 7.61 -15.15 -5.56
N PRO B 336 8.83 -14.68 -5.30
CA PRO B 336 9.36 -14.78 -3.92
C PRO B 336 8.47 -14.14 -2.87
N GLU B 337 7.99 -12.91 -3.10
CA GLU B 337 7.14 -12.25 -2.11
C GLU B 337 5.88 -13.07 -1.85
N TYR B 338 5.22 -13.53 -2.92
CA TYR B 338 4.03 -14.36 -2.78
C TYR B 338 4.34 -15.63 -1.98
N LEU B 339 5.48 -16.27 -2.27
CA LEU B 339 5.84 -17.50 -1.58
C LEU B 339 6.31 -17.23 -0.16
N GLN B 340 6.93 -16.08 0.09
CA GLN B 340 7.24 -15.70 1.47
C GLN B 340 5.96 -15.57 2.29
N ALA B 341 4.92 -14.99 1.70
CA ALA B 341 3.64 -14.86 2.41
C ALA B 341 3.05 -16.22 2.73
N GLN B 342 3.06 -17.14 1.76
CA GLN B 342 2.51 -18.47 1.99
C GLN B 342 3.23 -19.17 3.14
N ALA B 343 4.56 -19.14 3.14
CA ALA B 343 5.31 -19.74 4.23
C ALA B 343 4.91 -19.13 5.57
N LEU B 344 4.78 -17.81 5.63
CA LEU B 344 4.43 -17.16 6.88
C LEU B 344 3.07 -17.60 7.37
N LEU B 345 2.08 -17.66 6.47
CA LEU B 345 0.75 -18.13 6.86
C LEU B 345 0.81 -19.53 7.45
N SER B 346 1.51 -20.44 6.79
CA SER B 346 1.58 -21.81 7.24
C SER B 346 2.26 -21.93 8.60
N SER B 347 3.23 -21.08 8.88
CA SER B 347 3.98 -21.17 10.13
C SER B 347 3.23 -20.50 11.28
N ALA B 348 2.71 -19.28 11.05
CA ALA B 348 2.09 -18.53 12.13
C ALA B 348 0.72 -19.08 12.51
N LEU B 349 0.01 -19.70 11.57
CA LEU B 349 -1.32 -20.24 11.83
C LEU B 349 -1.33 -21.77 11.87
N ALA B 350 -0.24 -22.37 12.34
CA ALA B 350 -0.15 -23.82 12.43
C ALA B 350 -1.07 -24.33 13.54
#